data_8RHU
#
_entry.id   8RHU
#
_cell.length_a   74.032
_cell.length_b   89.646
_cell.length_c   84.165
_cell.angle_alpha   90.00
_cell.angle_beta   115.88
_cell.angle_gamma   90.00
#
_symmetry.space_group_name_H-M   'P 1 21 1'
#
loop_
_entity.id
_entity.type
_entity.pdbx_description
1 polymer 'Pteridine reductase'
2 non-polymer 'NADPH DIHYDRO-NICOTINAMIDE-ADENINE-DINUCLEOTIDE PHOSPHATE'
3 non-polymer 4,4,7,8-tetramethyl-10~{H}-[1,3,5]triazino[1,2-a]benzimidazol-2-amine
4 non-polymer 'ACETATE ION'
5 water water
#
_entity_poly.entity_id   1
_entity_poly.type   'polypeptide(L)'
_entity_poly.pdbx_seq_one_letter_code
;MGSSHHHHHHSSGLVPRGSHMMEAPAAVVTGAAKRIGRAIAVKLHQTGYRVVIHYHNSAEAAVSLADELNKERSNTAVVC
QADLTNSNVLPASCEEIINSCFRAFGRCDVLVNNASAFYPTPLVQGDHEDNSNGKTVETQVAELIGTNAIAPFLLTMSFA
QRQKGTNPNCTSSNLSIVNLCDAMVDQP(CSX)MAFSLYNMGKHALVGLTQSAALELAPYGIRVNGVAPGVSLLPVAMGE
EEKDKWRRKVPLGRREASAEQIADAVIFLVSGSAQYITGSIIKVDGGLSLVHA
;
_entity_poly.pdbx_strand_id   A,B,C,D
#
loop_
_chem_comp.id
_chem_comp.type
_chem_comp.name
_chem_comp.formula
A1H0S non-polymer 4,4,7,8-tetramethyl-10~{H}-[1,3,5]triazino[1,2-a]benzimidazol-2-amine 'C13 H17 N5'
ACT non-polymer 'ACETATE ION' 'C2 H3 O2 -1'
NDP non-polymer 'NADPH DIHYDRO-NICOTINAMIDE-ADENINE-DINUCLEOTIDE PHOSPHATE' 'C21 H30 N7 O17 P3'
#
# COMPACT_ATOMS: atom_id res chain seq x y z
N GLU A 23 -41.28 2.22 4.27
CA GLU A 23 -40.97 3.25 3.23
C GLU A 23 -39.51 3.10 2.81
N ALA A 24 -39.25 3.35 1.52
CA ALA A 24 -38.02 2.90 0.89
C ALA A 24 -36.88 3.86 1.20
N PRO A 25 -35.63 3.37 1.38
CA PRO A 25 -34.49 4.28 1.51
C PRO A 25 -34.23 5.01 0.20
N ALA A 26 -33.43 6.09 0.26
CA ALA A 26 -33.12 6.89 -0.93
C ALA A 26 -31.60 7.05 -1.09
N ALA A 27 -31.15 7.14 -2.35
CA ALA A 27 -29.74 7.28 -2.69
C ALA A 27 -29.52 8.40 -3.70
N VAL A 28 -28.38 9.11 -3.58
CA VAL A 28 -27.88 10.01 -4.60
C VAL A 28 -26.76 9.30 -5.36
N VAL A 29 -26.90 9.28 -6.68
CA VAL A 29 -25.81 8.80 -7.52
C VAL A 29 -25.35 9.95 -8.40
N THR A 30 -24.06 10.34 -8.29
CA THR A 30 -23.57 11.44 -9.14
C THR A 30 -23.18 10.87 -10.51
N GLY A 31 -23.35 11.69 -11.57
CA GLY A 31 -23.03 11.27 -12.93
C GLY A 31 -23.78 9.98 -13.32
N ALA A 32 -25.08 9.93 -13.00
CA ALA A 32 -25.84 8.67 -13.08
C ALA A 32 -26.62 8.53 -14.38
N ALA A 33 -26.46 9.44 -15.36
CA ALA A 33 -27.29 9.42 -16.55
C ALA A 33 -26.87 8.25 -17.45
N LYS A 34 -25.59 7.88 -17.41
CA LYS A 34 -25.05 6.93 -18.36
C LYS A 34 -24.12 5.96 -17.64
N ARG A 35 -23.81 4.85 -18.33
CA ARG A 35 -22.64 4.00 -18.05
C ARG A 35 -22.70 3.47 -16.62
N ILE A 36 -21.58 3.60 -15.87
CA ILE A 36 -21.48 2.94 -14.58
C ILE A 36 -22.45 3.57 -13.58
N GLY A 37 -22.58 4.91 -13.64
CA GLY A 37 -23.49 5.58 -12.72
C GLY A 37 -24.95 5.16 -12.94
N ARG A 38 -25.36 5.04 -14.19
CA ARG A 38 -26.69 4.52 -14.49
C ARG A 38 -26.85 3.09 -14.00
N ALA A 39 -25.81 2.24 -14.20
CA ALA A 39 -25.87 0.88 -13.73
C ALA A 39 -26.08 0.84 -12.22
N ILE A 40 -25.34 1.67 -11.50
CA ILE A 40 -25.47 1.73 -10.05
C ILE A 40 -26.86 2.26 -9.66
N ALA A 41 -27.34 3.31 -10.35
CA ALA A 41 -28.69 3.80 -10.04
C ALA A 41 -29.76 2.73 -10.28
N VAL A 42 -29.66 2.01 -11.39
CA VAL A 42 -30.62 0.96 -11.73
C VAL A 42 -30.62 -0.17 -10.71
N LYS A 43 -29.42 -0.64 -10.32
CA LYS A 43 -29.33 -1.73 -9.37
C LYS A 43 -29.80 -1.27 -7.98
N LEU A 44 -29.51 -0.04 -7.58
CA LEU A 44 -30.07 0.40 -6.30
C LEU A 44 -31.63 0.43 -6.38
N HIS A 45 -32.15 0.94 -7.49
CA HIS A 45 -33.60 1.05 -7.65
C HIS A 45 -34.27 -0.34 -7.58
N GLN A 46 -33.68 -1.30 -8.29
CA GLN A 46 -34.17 -2.67 -8.27
C GLN A 46 -34.07 -3.29 -6.88
N THR A 47 -33.20 -2.78 -5.99
CA THR A 47 -33.06 -3.34 -4.65
C THR A 47 -34.11 -2.72 -3.73
N GLY A 48 -34.76 -1.67 -4.21
CA GLY A 48 -35.82 -1.01 -3.45
C GLY A 48 -35.54 0.46 -3.13
N TYR A 49 -34.42 1.03 -3.64
CA TYR A 49 -34.08 2.43 -3.38
C TYR A 49 -34.86 3.37 -4.28
N ARG A 50 -35.23 4.53 -3.72
CA ARG A 50 -35.56 5.70 -4.54
C ARG A 50 -34.25 6.40 -4.86
N VAL A 51 -34.12 7.00 -6.06
CA VAL A 51 -32.82 7.51 -6.47
C VAL A 51 -32.90 8.96 -6.96
N VAL A 52 -31.87 9.73 -6.63
CA VAL A 52 -31.56 10.99 -7.30
C VAL A 52 -30.48 10.72 -8.33
N ILE A 53 -30.86 10.93 -9.58
CA ILE A 53 -29.98 10.86 -10.73
C ILE A 53 -29.37 12.25 -10.99
N HIS A 54 -28.14 12.45 -10.49
CA HIS A 54 -27.38 13.67 -10.81
C HIS A 54 -26.81 13.55 -12.22
N TYR A 55 -26.75 14.69 -12.92
CA TYR A 55 -26.14 14.80 -14.24
C TYR A 55 -25.61 16.22 -14.38
N HIS A 56 -24.72 16.40 -15.35
CA HIS A 56 -24.16 17.69 -15.69
C HIS A 56 -24.68 18.11 -17.06
N ASN A 57 -24.20 17.45 -18.13
CA ASN A 57 -24.58 17.77 -19.50
C ASN A 57 -25.62 16.82 -20.09
N SER A 58 -25.81 15.61 -19.53
CA SER A 58 -26.63 14.59 -20.19
C SER A 58 -28.10 14.64 -19.74
N ALA A 59 -28.77 15.75 -20.05
CA ALA A 59 -30.13 15.97 -19.56
C ALA A 59 -31.08 14.91 -20.11
N GLU A 60 -31.03 14.65 -21.43
CA GLU A 60 -31.99 13.77 -22.07
C GLU A 60 -31.82 12.37 -21.48
N ALA A 61 -30.57 11.91 -21.37
CA ALA A 61 -30.32 10.57 -20.86
C ALA A 61 -30.81 10.47 -19.41
N ALA A 62 -30.57 11.51 -18.62
CA ALA A 62 -30.95 11.51 -17.22
C ALA A 62 -32.47 11.36 -17.10
N VAL A 63 -33.19 12.22 -17.83
CA VAL A 63 -34.66 12.25 -17.72
C VAL A 63 -35.20 10.91 -18.21
N SER A 64 -34.62 10.42 -19.30
CA SER A 64 -35.02 9.13 -19.85
C SER A 64 -34.89 8.01 -18.81
N LEU A 65 -33.80 8.02 -18.02
CA LEU A 65 -33.62 7.00 -17.00
C LEU A 65 -34.67 7.15 -15.91
N ALA A 66 -34.91 8.40 -15.45
CA ALA A 66 -35.82 8.63 -14.33
C ALA A 66 -37.21 8.14 -14.73
N ASP A 67 -37.57 8.40 -16.01
CA ASP A 67 -38.83 8.01 -16.61
C ASP A 67 -39.00 6.49 -16.54
N GLU A 68 -37.99 5.75 -17.02
CA GLU A 68 -38.00 4.30 -16.94
C GLU A 68 -38.19 3.82 -15.50
N LEU A 69 -37.50 4.44 -14.54
CA LEU A 69 -37.55 3.95 -13.18
C LEU A 69 -38.91 4.24 -12.56
N ASN A 70 -39.46 5.41 -12.90
CA ASN A 70 -40.77 5.83 -12.38
C ASN A 70 -41.88 4.94 -12.98
N LYS A 71 -41.71 4.47 -14.22
CA LYS A 71 -42.69 3.58 -14.86
C LYS A 71 -42.71 2.23 -14.13
N GLU A 72 -41.58 1.87 -13.52
CA GLU A 72 -41.48 0.66 -12.75
C GLU A 72 -42.14 0.87 -11.39
N ARG A 73 -41.87 2.02 -10.75
CA ARG A 73 -42.46 2.33 -9.45
C ARG A 73 -42.59 3.84 -9.40
N SER A 74 -43.83 4.33 -9.25
CA SER A 74 -44.07 5.75 -9.45
C SER A 74 -43.45 6.52 -8.29
N ASN A 75 -43.02 7.75 -8.59
CA ASN A 75 -42.45 8.67 -7.62
C ASN A 75 -41.23 8.07 -6.92
N THR A 76 -40.39 7.35 -7.68
CA THR A 76 -39.19 6.78 -7.06
C THR A 76 -37.87 7.31 -7.67
N ALA A 77 -37.90 8.11 -8.75
CA ALA A 77 -36.69 8.69 -9.33
C ALA A 77 -36.86 10.20 -9.59
N VAL A 78 -35.80 10.98 -9.36
CA VAL A 78 -35.73 12.39 -9.74
C VAL A 78 -34.34 12.66 -10.33
N VAL A 79 -34.24 13.71 -11.16
CA VAL A 79 -32.99 14.22 -11.71
C VAL A 79 -32.55 15.46 -10.95
N CYS A 80 -31.24 15.79 -11.03
CA CYS A 80 -30.71 16.99 -10.37
C CYS A 80 -29.47 17.41 -11.14
N GLN A 81 -29.50 18.62 -11.74
CA GLN A 81 -28.41 19.05 -12.59
C GLN A 81 -27.40 19.80 -11.72
N ALA A 82 -26.11 19.48 -11.87
CA ALA A 82 -25.09 20.25 -11.18
C ALA A 82 -23.73 20.12 -11.87
N ASP A 83 -23.01 21.25 -11.98
CA ASP A 83 -21.63 21.23 -12.43
C ASP A 83 -20.77 20.94 -11.20
N LEU A 84 -19.88 19.94 -11.28
CA LEU A 84 -19.06 19.58 -10.13
C LEU A 84 -17.60 20.03 -10.25
N THR A 85 -17.32 20.95 -11.19
CA THR A 85 -16.07 21.69 -11.33
C THR A 85 -15.82 22.45 -10.03
N ASN A 86 -14.57 22.47 -9.55
CA ASN A 86 -14.24 23.27 -8.37
C ASN A 86 -14.49 24.77 -8.65
N SER A 87 -15.09 25.47 -7.68
CA SER A 87 -15.30 26.91 -7.70
C SER A 87 -15.74 27.30 -6.30
N ASN A 88 -15.92 28.60 -6.06
CA ASN A 88 -16.36 29.06 -4.74
C ASN A 88 -17.84 28.75 -4.50
N VAL A 89 -18.56 28.32 -5.54
CA VAL A 89 -19.97 27.94 -5.36
C VAL A 89 -20.15 26.43 -5.30
N LEU A 90 -19.06 25.67 -5.53
CA LEU A 90 -19.19 24.21 -5.50
C LEU A 90 -19.83 23.77 -4.18
N PRO A 91 -19.45 24.29 -2.98
CA PRO A 91 -20.16 23.87 -1.77
C PRO A 91 -21.69 23.99 -1.83
N ALA A 92 -22.15 25.13 -2.30
CA ALA A 92 -23.58 25.36 -2.48
C ALA A 92 -24.17 24.31 -3.41
N SER A 93 -23.50 24.06 -4.54
CA SER A 93 -24.00 23.07 -5.48
C SER A 93 -24.16 21.67 -4.85
N CYS A 94 -23.15 21.25 -4.07
CA CYS A 94 -23.16 19.95 -3.45
C CYS A 94 -24.28 19.89 -2.43
N GLU A 95 -24.38 20.95 -1.61
CA GLU A 95 -25.44 20.99 -0.62
C GLU A 95 -26.81 20.85 -1.30
N GLU A 96 -26.95 21.43 -2.51
CA GLU A 96 -28.21 21.43 -3.24
C GLU A 96 -28.56 20.01 -3.71
N ILE A 97 -27.53 19.24 -4.15
CA ILE A 97 -27.75 17.88 -4.59
C ILE A 97 -28.33 17.07 -3.42
N ILE A 98 -27.69 17.18 -2.27
CA ILE A 98 -28.22 16.46 -1.14
C ILE A 98 -29.65 16.97 -0.81
N ASN A 99 -29.83 18.30 -0.77
CA ASN A 99 -31.14 18.88 -0.50
C ASN A 99 -32.20 18.33 -1.43
N SER A 100 -31.81 18.02 -2.66
CA SER A 100 -32.76 17.52 -3.66
C SER A 100 -33.31 16.16 -3.27
N CYS A 101 -32.44 15.32 -2.65
CA CYS A 101 -32.88 14.02 -2.15
C CYS A 101 -33.85 14.19 -0.99
N PHE A 102 -33.56 15.11 -0.08
CA PHE A 102 -34.45 15.37 1.04
C PHE A 102 -35.78 15.97 0.55
N ARG A 103 -35.74 16.84 -0.48
CA ARG A 103 -36.95 17.43 -1.04
C ARG A 103 -37.80 16.35 -1.70
N ALA A 104 -37.19 15.42 -2.44
CA ALA A 104 -38.01 14.46 -3.16
C ALA A 104 -38.48 13.33 -2.25
N PHE A 105 -37.65 12.89 -1.29
CA PHE A 105 -37.88 11.59 -0.68
C PHE A 105 -37.95 11.72 0.83
N GLY A 106 -37.58 12.87 1.38
CA GLY A 106 -37.65 13.03 2.83
C GLY A 106 -36.48 12.41 3.59
N ARG A 107 -35.48 11.85 2.88
CA ARG A 107 -34.37 11.20 3.57
C ARG A 107 -33.27 10.97 2.55
N CYS A 108 -32.05 10.67 3.03
CA CYS A 108 -30.93 10.36 2.15
C CYS A 108 -30.03 9.34 2.85
N ASP A 109 -30.08 8.11 2.32
CA ASP A 109 -29.47 6.97 3.02
C ASP A 109 -28.07 6.66 2.49
N VAL A 110 -27.91 6.82 1.18
CA VAL A 110 -26.71 6.40 0.45
C VAL A 110 -26.28 7.55 -0.48
N LEU A 111 -24.96 7.83 -0.49
CA LEU A 111 -24.34 8.69 -1.48
C LEU A 111 -23.33 7.88 -2.28
N VAL A 112 -23.44 7.91 -3.62
CA VAL A 112 -22.47 7.30 -4.51
C VAL A 112 -21.75 8.39 -5.32
N ASN A 113 -20.45 8.61 -5.03
CA ASN A 113 -19.62 9.56 -5.74
C ASN A 113 -19.04 8.90 -6.97
N ASN A 114 -19.74 9.07 -8.10
CA ASN A 114 -19.40 8.36 -9.34
C ASN A 114 -18.92 9.32 -10.41
N ALA A 115 -19.46 10.56 -10.45
CA ALA A 115 -19.15 11.55 -11.48
C ALA A 115 -17.63 11.75 -11.55
N SER A 116 -17.09 11.83 -12.77
CA SER A 116 -15.65 11.95 -12.90
C SER A 116 -15.24 12.58 -14.23
N ALA A 117 -14.42 13.63 -14.20
CA ALA A 117 -13.78 14.15 -15.42
C ALA A 117 -12.49 13.37 -15.63
N PHE A 118 -12.15 13.09 -16.90
CA PHE A 118 -11.01 12.25 -17.17
C PHE A 118 -10.42 12.73 -18.49
N TYR A 119 -9.21 13.28 -18.49
CA TYR A 119 -8.54 13.61 -19.74
C TYR A 119 -7.09 13.94 -19.44
N PRO A 120 -6.21 13.88 -20.45
CA PRO A 120 -4.79 14.11 -20.20
C PRO A 120 -4.46 15.56 -19.85
N THR A 121 -3.48 15.73 -18.95
CA THR A 121 -3.01 17.05 -18.54
C THR A 121 -1.49 16.99 -18.49
N PRO A 122 -0.81 16.94 -19.66
CA PRO A 122 0.64 16.74 -19.69
C PRO A 122 1.36 17.83 -18.90
N LEU A 123 2.48 17.46 -18.25
CA LEU A 123 3.28 18.39 -17.48
C LEU A 123 4.09 19.33 -18.40
N VAL A 124 4.56 18.79 -19.53
CA VAL A 124 5.42 19.50 -20.47
C VAL A 124 4.66 19.85 -21.77
N GLY A 134 -8.81 24.26 -26.33
CA GLY A 134 -7.89 23.88 -25.23
C GLY A 134 -8.27 24.58 -23.92
N LYS A 135 -8.41 23.78 -22.86
CA LYS A 135 -8.69 24.30 -21.53
C LYS A 135 -7.43 24.93 -20.94
N THR A 136 -7.59 26.05 -20.22
CA THR A 136 -6.48 26.60 -19.45
C THR A 136 -6.10 25.60 -18.35
N VAL A 137 -4.90 25.77 -17.77
CA VAL A 137 -4.49 24.89 -16.68
C VAL A 137 -5.39 25.12 -15.46
N GLU A 138 -5.86 26.37 -15.26
CA GLU A 138 -6.80 26.66 -14.18
C GLU A 138 -8.05 25.77 -14.29
N THR A 139 -8.53 25.60 -15.52
CA THR A 139 -9.76 24.86 -15.81
C THR A 139 -9.52 23.37 -15.56
N GLN A 140 -8.39 22.88 -16.08
CA GLN A 140 -7.96 21.50 -15.90
C GLN A 140 -7.93 21.14 -14.42
N VAL A 141 -7.32 21.99 -13.58
CA VAL A 141 -7.28 21.72 -12.14
C VAL A 141 -8.71 21.72 -11.56
N ALA A 142 -9.48 22.74 -11.94
CA ALA A 142 -10.84 22.88 -11.42
C ALA A 142 -11.69 21.65 -11.77
N GLU A 143 -11.64 21.18 -13.03
CA GLU A 143 -12.50 20.07 -13.41
C GLU A 143 -12.00 18.75 -12.83
N LEU A 144 -10.70 18.46 -12.97
CA LEU A 144 -10.20 17.16 -12.58
C LEU A 144 -10.16 16.98 -11.08
N ILE A 145 -9.74 18.03 -10.36
CA ILE A 145 -9.73 17.93 -8.90
C ILE A 145 -11.12 18.13 -8.31
N GLY A 146 -11.90 19.05 -8.89
CA GLY A 146 -13.28 19.25 -8.43
C GLY A 146 -14.14 17.98 -8.53
N THR A 147 -14.20 17.36 -9.71
CA THR A 147 -15.14 16.25 -9.88
C THR A 147 -14.66 15.03 -9.11
N ASN A 148 -13.36 14.76 -9.14
CA ASN A 148 -12.86 13.51 -8.62
C ASN A 148 -12.66 13.56 -7.12
N ALA A 149 -12.58 14.74 -6.51
CA ALA A 149 -12.14 14.81 -5.11
C ALA A 149 -12.90 15.85 -4.28
N ILE A 150 -12.91 17.10 -4.74
CA ILE A 150 -13.48 18.18 -3.92
C ILE A 150 -14.99 18.03 -3.82
N ALA A 151 -15.63 17.77 -4.95
CA ALA A 151 -17.07 17.56 -4.93
C ALA A 151 -17.44 16.34 -4.04
N PRO A 152 -16.77 15.16 -4.16
CA PRO A 152 -16.99 14.11 -3.17
C PRO A 152 -16.87 14.53 -1.70
N PHE A 153 -15.88 15.36 -1.37
CA PHE A 153 -15.73 15.83 0.00
C PHE A 153 -16.92 16.72 0.41
N LEU A 154 -17.27 17.68 -0.44
CA LEU A 154 -18.38 18.59 -0.12
C LEU A 154 -19.72 17.83 -0.06
N LEU A 155 -19.96 16.90 -0.98
CA LEU A 155 -21.14 16.04 -0.88
C LEU A 155 -21.17 15.22 0.41
N THR A 156 -19.99 14.72 0.83
CA THR A 156 -19.87 13.95 2.06
C THR A 156 -20.25 14.84 3.25
N MET A 157 -19.77 16.09 3.23
CA MET A 157 -20.04 17.04 4.31
C MET A 157 -21.55 17.29 4.40
N SER A 158 -22.18 17.59 3.26
CA SER A 158 -23.60 17.88 3.25
C SER A 158 -24.42 16.64 3.66
N PHE A 159 -24.02 15.45 3.17
CA PHE A 159 -24.70 14.20 3.50
C PHE A 159 -24.68 13.99 5.02
N ALA A 160 -23.50 14.14 5.63
CA ALA A 160 -23.32 13.97 7.06
C ALA A 160 -24.11 15.03 7.85
N GLN A 161 -24.03 16.31 7.44
CA GLN A 161 -24.65 17.40 8.21
C GLN A 161 -26.17 17.21 8.24
N ARG A 162 -26.75 16.72 7.15
CA ARG A 162 -28.19 16.46 7.10
C ARG A 162 -28.65 15.30 7.99
N GLN A 163 -27.74 14.41 8.45
CA GLN A 163 -28.16 13.31 9.30
C GLN A 163 -28.11 13.78 10.78
N SER A 173 -31.53 2.11 10.25
CA SER A 173 -30.85 2.87 9.18
C SER A 173 -29.54 2.17 8.78
N ASN A 174 -29.26 2.20 7.48
CA ASN A 174 -27.99 1.68 6.98
C ASN A 174 -27.38 2.75 6.08
N LEU A 175 -26.74 3.75 6.71
CA LEU A 175 -26.21 4.91 6.00
C LEU A 175 -24.83 4.57 5.47
N SER A 176 -24.57 4.80 4.16
CA SER A 176 -23.18 4.66 3.74
C SER A 176 -22.89 5.52 2.50
N ILE A 177 -21.58 5.66 2.22
CA ILE A 177 -21.11 6.41 1.07
C ILE A 177 -20.20 5.47 0.29
N VAL A 178 -20.33 5.45 -1.04
CA VAL A 178 -19.39 4.66 -1.81
C VAL A 178 -18.73 5.60 -2.83
N ASN A 179 -17.38 5.59 -2.83
CA ASN A 179 -16.62 6.43 -3.75
C ASN A 179 -16.10 5.58 -4.91
N LEU A 180 -16.26 6.05 -6.14
CA LEU A 180 -15.72 5.29 -7.27
C LEU A 180 -14.26 5.71 -7.50
N CYS A 181 -13.32 4.78 -7.20
CA CYS A 181 -11.89 5.04 -7.15
C CYS A 181 -11.31 4.48 -8.45
N ASP A 182 -10.05 4.07 -8.45
CA ASP A 182 -9.41 3.64 -9.69
C ASP A 182 -8.31 2.66 -9.30
N ALA A 183 -8.37 1.42 -9.80
CA ALA A 183 -7.46 0.37 -9.34
C ALA A 183 -6.03 0.60 -9.80
N MET A 184 -5.87 1.47 -10.80
CA MET A 184 -4.61 1.66 -11.49
C MET A 184 -3.94 2.97 -11.04
N VAL A 185 -4.29 3.46 -9.86
CA VAL A 185 -3.75 4.77 -9.45
C VAL A 185 -2.26 4.70 -9.17
N ASP A 186 -1.72 3.52 -8.82
CA ASP A 186 -0.31 3.40 -8.50
C ASP A 186 0.49 2.94 -9.73
N GLN A 187 -0.19 2.76 -10.84
CA GLN A 187 0.49 2.49 -12.11
C GLN A 187 -0.20 3.33 -13.17
N PRO A 188 -0.08 4.69 -13.08
CA PRO A 188 -0.94 5.58 -13.86
C PRO A 188 -0.64 5.66 -15.35
N CSX A 189 -1.67 6.07 -16.11
CA CSX A 189 -1.46 6.45 -17.50
CB CSX A 189 -2.79 6.73 -18.22
SG CSX A 189 -3.76 5.21 -18.48
C CSX A 189 -0.56 7.69 -17.54
O CSX A 189 -0.72 8.63 -16.74
OD CSX A 189 -3.36 4.73 -19.84
N MET A 190 0.39 7.65 -18.46
CA MET A 190 1.32 8.71 -18.77
C MET A 190 0.52 9.97 -19.10
N ALA A 191 0.88 11.12 -18.49
CA ALA A 191 0.32 12.45 -18.74
C ALA A 191 -1.06 12.63 -18.12
N PHE A 192 -1.43 11.80 -17.11
CA PHE A 192 -2.70 11.99 -16.43
C PHE A 192 -2.51 12.39 -14.96
N SER A 193 -1.57 13.31 -14.66
CA SER A 193 -1.25 13.68 -13.27
CA SER A 193 -1.27 13.62 -13.26
C SER A 193 -2.47 14.19 -12.49
N LEU A 194 -3.23 15.12 -13.08
CA LEU A 194 -4.31 15.76 -12.34
C LEU A 194 -5.40 14.74 -12.04
N TYR A 195 -5.77 13.96 -13.05
CA TYR A 195 -6.73 12.87 -12.79
C TYR A 195 -6.24 11.95 -11.65
N ASN A 196 -4.96 11.52 -11.69
CA ASN A 196 -4.37 10.64 -10.70
CA ASN A 196 -4.44 10.60 -10.69
C ASN A 196 -4.37 11.30 -9.33
N MET A 197 -4.06 12.59 -9.30
CA MET A 197 -4.07 13.29 -8.02
C MET A 197 -5.46 13.23 -7.41
N GLY A 198 -6.45 13.47 -8.26
CA GLY A 198 -7.81 13.52 -7.76
C GLY A 198 -8.27 12.17 -7.20
N LYS A 199 -7.98 11.08 -7.91
CA LYS A 199 -8.32 9.75 -7.43
C LYS A 199 -7.53 9.37 -6.18
N HIS A 200 -6.27 9.81 -6.07
CA HIS A 200 -5.56 9.50 -4.83
C HIS A 200 -6.20 10.32 -3.71
N ALA A 201 -6.56 11.58 -3.98
CA ALA A 201 -7.24 12.37 -2.93
C ALA A 201 -8.51 11.66 -2.48
N LEU A 202 -9.19 11.04 -3.43
CA LEU A 202 -10.45 10.34 -3.15
C LEU A 202 -10.21 9.15 -2.20
N VAL A 203 -9.09 8.45 -2.40
CA VAL A 203 -8.70 7.41 -1.46
C VAL A 203 -8.55 8.02 -0.06
N GLY A 204 -7.84 9.16 0.05
CA GLY A 204 -7.65 9.83 1.33
C GLY A 204 -8.99 10.25 1.95
N LEU A 205 -9.90 10.75 1.13
CA LEU A 205 -11.24 11.11 1.61
C LEU A 205 -11.95 9.85 2.15
N THR A 206 -11.89 8.75 1.39
CA THR A 206 -12.58 7.54 1.84
C THR A 206 -12.10 7.19 3.24
N GLN A 207 -10.78 7.19 3.45
CA GLN A 207 -10.27 6.76 4.74
C GLN A 207 -10.63 7.78 5.84
N SER A 208 -10.35 9.07 5.55
CA SER A 208 -10.59 10.13 6.53
C SER A 208 -12.07 10.20 6.91
N ALA A 209 -12.96 10.14 5.92
CA ALA A 209 -14.38 10.19 6.25
C ALA A 209 -14.85 8.91 6.94
N ALA A 210 -14.34 7.72 6.52
CA ALA A 210 -14.68 6.49 7.24
C ALA A 210 -14.38 6.67 8.72
N LEU A 211 -13.17 7.18 9.02
CA LEU A 211 -12.76 7.35 10.40
C LEU A 211 -13.71 8.31 11.15
N GLU A 212 -14.00 9.48 10.57
CA GLU A 212 -14.68 10.54 11.29
C GLU A 212 -16.19 10.30 11.34
N LEU A 213 -16.76 9.63 10.32
CA LEU A 213 -18.20 9.42 10.28
C LEU A 213 -18.62 8.10 10.96
N ALA A 214 -17.64 7.26 11.32
CA ALA A 214 -17.95 5.99 11.97
C ALA A 214 -18.83 6.21 13.22
N PRO A 215 -18.53 7.19 14.08
CA PRO A 215 -19.36 7.40 15.27
C PRO A 215 -20.82 7.76 14.96
N TYR A 216 -21.11 8.21 13.73
CA TYR A 216 -22.46 8.57 13.35
C TYR A 216 -23.14 7.39 12.65
N GLY A 217 -22.44 6.26 12.52
CA GLY A 217 -23.03 5.10 11.89
C GLY A 217 -22.97 5.20 10.36
N ILE A 218 -22.18 6.13 9.83
CA ILE A 218 -22.09 6.19 8.36
C ILE A 218 -20.80 5.50 7.92
N ARG A 219 -20.95 4.47 7.06
CA ARG A 219 -19.80 3.73 6.55
C ARG A 219 -19.36 4.43 5.27
N VAL A 220 -18.06 4.39 4.99
CA VAL A 220 -17.53 5.05 3.80
C VAL A 220 -16.55 4.09 3.14
N ASN A 221 -16.82 3.70 1.90
CA ASN A 221 -16.02 2.66 1.26
C ASN A 221 -15.81 3.08 -0.19
N GLY A 222 -14.94 2.34 -0.90
CA GLY A 222 -14.67 2.60 -2.31
C GLY A 222 -14.80 1.31 -3.13
N VAL A 223 -15.10 1.48 -4.43
CA VAL A 223 -14.99 0.48 -5.47
C VAL A 223 -14.00 1.02 -6.49
N ALA A 224 -13.00 0.20 -6.88
CA ALA A 224 -11.95 0.64 -7.77
C ALA A 224 -11.95 -0.23 -9.03
N PRO A 225 -12.60 0.22 -10.14
CA PRO A 225 -12.54 -0.52 -11.40
C PRO A 225 -11.13 -0.42 -11.95
N GLY A 226 -10.82 -1.38 -12.83
CA GLY A 226 -9.62 -1.27 -13.65
C GLY A 226 -10.05 -0.74 -15.00
N VAL A 227 -10.37 -1.66 -15.90
CA VAL A 227 -10.94 -1.26 -17.17
C VAL A 227 -12.35 -1.79 -17.10
N SER A 228 -13.30 -0.85 -17.23
CA SER A 228 -14.71 -1.20 -17.32
C SER A 228 -15.15 -0.62 -18.66
N LEU A 229 -16.36 -0.04 -18.72
CA LEU A 229 -16.83 0.43 -20.03
C LEU A 229 -15.82 1.44 -20.57
N LEU A 230 -15.36 1.17 -21.80
CA LEU A 230 -14.38 2.00 -22.46
C LEU A 230 -15.07 3.28 -22.92
N PRO A 231 -14.30 4.40 -23.04
CA PRO A 231 -14.82 5.67 -23.57
C PRO A 231 -15.55 5.45 -24.90
N VAL A 232 -16.63 6.21 -25.10
CA VAL A 232 -17.50 6.07 -26.26
C VAL A 232 -16.70 6.30 -27.54
N ALA A 233 -15.79 7.27 -27.49
CA ALA A 233 -15.04 7.72 -28.66
C ALA A 233 -13.75 6.92 -28.83
N MET A 234 -13.54 5.90 -27.99
CA MET A 234 -12.35 5.08 -28.19
C MET A 234 -12.63 4.11 -29.33
N GLY A 235 -11.65 3.96 -30.25
CA GLY A 235 -11.72 3.01 -31.35
C GLY A 235 -11.66 1.56 -30.86
N GLU A 236 -12.30 0.65 -31.61
CA GLU A 236 -12.38 -0.76 -31.25
C GLU A 236 -11.00 -1.38 -31.06
N GLU A 237 -10.03 -1.04 -31.94
CA GLU A 237 -8.70 -1.61 -31.86
C GLU A 237 -8.01 -1.19 -30.55
N GLU A 238 -8.25 0.06 -30.13
CA GLU A 238 -7.66 0.59 -28.89
C GLU A 238 -8.34 -0.06 -27.68
N LYS A 239 -9.66 -0.31 -27.78
CA LYS A 239 -10.39 -1.06 -26.77
C LYS A 239 -9.80 -2.46 -26.57
N ASP A 240 -9.50 -3.16 -27.69
CA ASP A 240 -8.99 -4.51 -27.58
C ASP A 240 -7.61 -4.55 -26.95
N LYS A 241 -6.79 -3.51 -27.18
CA LYS A 241 -5.47 -3.44 -26.57
C LYS A 241 -5.64 -3.45 -25.03
N TRP A 242 -6.65 -2.73 -24.53
CA TRP A 242 -6.91 -2.73 -23.09
C TRP A 242 -7.44 -4.09 -22.63
N ARG A 243 -8.41 -4.65 -23.38
CA ARG A 243 -9.03 -5.92 -23.00
C ARG A 243 -7.98 -7.03 -22.84
N ARG A 244 -7.00 -7.09 -23.75
CA ARG A 244 -6.03 -8.17 -23.75
C ARG A 244 -5.10 -8.12 -22.52
N LYS A 245 -5.07 -7.01 -21.79
CA LYS A 245 -4.18 -6.91 -20.65
C LYS A 245 -4.81 -7.54 -19.40
N VAL A 246 -6.13 -7.81 -19.44
CA VAL A 246 -6.83 -8.26 -18.23
C VAL A 246 -6.65 -9.77 -18.06
N PRO A 247 -5.99 -10.25 -16.97
CA PRO A 247 -5.84 -11.69 -16.68
C PRO A 247 -7.14 -12.51 -16.65
N LEU A 248 -8.18 -11.92 -16.04
CA LEU A 248 -9.41 -12.67 -15.83
C LEU A 248 -10.32 -12.49 -17.03
N GLY A 249 -10.09 -13.26 -18.09
CA GLY A 249 -11.07 -13.28 -19.17
C GLY A 249 -10.72 -12.38 -20.36
N ARG A 250 -9.68 -11.52 -20.24
CA ARG A 250 -9.25 -10.60 -21.30
C ARG A 250 -10.42 -9.74 -21.78
N ARG A 251 -11.17 -9.20 -20.83
CA ARG A 251 -12.31 -8.36 -21.15
CA ARG A 251 -12.32 -8.37 -21.14
C ARG A 251 -12.47 -7.33 -20.04
N GLU A 252 -13.10 -6.21 -20.38
CA GLU A 252 -13.42 -5.14 -19.45
C GLU A 252 -14.54 -5.60 -18.54
N ALA A 253 -14.66 -5.02 -17.34
CA ALA A 253 -15.81 -5.24 -16.48
C ALA A 253 -17.06 -4.63 -17.11
N SER A 254 -18.20 -5.31 -16.97
CA SER A 254 -19.49 -4.71 -17.30
C SER A 254 -19.81 -3.67 -16.25
N ALA A 255 -20.63 -2.70 -16.63
CA ALA A 255 -21.10 -1.72 -15.67
C ALA A 255 -21.78 -2.43 -14.49
N GLU A 256 -22.50 -3.52 -14.82
CA GLU A 256 -23.27 -4.24 -13.82
C GLU A 256 -22.33 -4.88 -12.78
N GLN A 257 -21.19 -5.39 -13.24
CA GLN A 257 -20.21 -5.96 -12.31
C GLN A 257 -19.68 -4.91 -11.33
N ILE A 258 -19.44 -3.68 -11.82
CA ILE A 258 -19.03 -2.60 -10.93
C ILE A 258 -20.16 -2.33 -9.94
N ALA A 259 -21.39 -2.22 -10.48
CA ALA A 259 -22.54 -1.92 -9.65
C ALA A 259 -22.73 -3.00 -8.59
N ASP A 260 -22.45 -4.26 -8.97
CA ASP A 260 -22.55 -5.36 -8.00
C ASP A 260 -21.70 -5.11 -6.75
N ALA A 261 -20.50 -4.53 -6.91
CA ALA A 261 -19.67 -4.31 -5.74
C ALA A 261 -20.21 -3.16 -4.91
N VAL A 262 -20.79 -2.14 -5.58
CA VAL A 262 -21.41 -1.01 -4.91
C VAL A 262 -22.55 -1.53 -4.02
N ILE A 263 -23.37 -2.41 -4.61
CA ILE A 263 -24.55 -2.94 -3.94
C ILE A 263 -24.14 -3.72 -2.70
N PHE A 264 -23.07 -4.51 -2.84
CA PHE A 264 -22.54 -5.22 -1.68
C PHE A 264 -22.26 -4.23 -0.54
N LEU A 265 -21.47 -3.18 -0.84
CA LEU A 265 -21.02 -2.27 0.20
C LEU A 265 -22.18 -1.55 0.86
N VAL A 266 -23.27 -1.30 0.12
CA VAL A 266 -24.38 -0.59 0.74
C VAL A 266 -25.27 -1.53 1.56
N SER A 267 -25.18 -2.85 1.26
CA SER A 267 -26.05 -3.87 1.85
C SER A 267 -25.71 -4.17 3.33
N GLY A 268 -26.64 -4.88 4.02
CA GLY A 268 -26.46 -5.44 5.35
C GLY A 268 -25.30 -6.44 5.45
N SER A 269 -24.80 -6.95 4.31
CA SER A 269 -23.75 -7.94 4.32
C SER A 269 -22.39 -7.25 4.51
N ALA A 270 -22.38 -5.91 4.52
CA ALA A 270 -21.17 -5.11 4.67
C ALA A 270 -21.25 -4.15 5.85
N GLN A 271 -22.05 -4.51 6.87
CA GLN A 271 -22.35 -3.61 7.98
C GLN A 271 -21.12 -3.36 8.86
N TYR A 272 -20.07 -4.17 8.76
CA TYR A 272 -18.88 -3.93 9.56
C TYR A 272 -17.78 -3.31 8.66
N ILE A 273 -18.04 -3.13 7.36
CA ILE A 273 -16.96 -2.71 6.48
C ILE A 273 -16.98 -1.19 6.34
N THR A 274 -15.86 -0.53 6.67
CA THR A 274 -15.73 0.91 6.41
C THR A 274 -14.25 1.21 6.25
N GLY A 275 -13.96 2.14 5.34
CA GLY A 275 -12.62 2.52 4.98
C GLY A 275 -11.98 1.52 4.03
N SER A 276 -12.80 0.66 3.40
CA SER A 276 -12.28 -0.35 2.49
C SER A 276 -12.50 0.07 1.05
N ILE A 277 -11.53 -0.28 0.20
CA ILE A 277 -11.70 -0.06 -1.23
C ILE A 277 -11.56 -1.42 -1.89
N ILE A 278 -12.62 -1.82 -2.60
CA ILE A 278 -12.63 -3.10 -3.27
C ILE A 278 -12.27 -2.88 -4.73
N LYS A 279 -11.15 -3.48 -5.12
CA LYS A 279 -10.76 -3.51 -6.51
C LYS A 279 -11.68 -4.45 -7.27
N VAL A 280 -12.13 -4.01 -8.46
CA VAL A 280 -12.96 -4.83 -9.32
C VAL A 280 -12.30 -4.73 -10.68
N ASP A 281 -11.18 -5.44 -10.83
CA ASP A 281 -10.27 -5.13 -11.93
C ASP A 281 -9.83 -6.40 -12.68
N GLY A 282 -10.38 -7.57 -12.35
CA GLY A 282 -10.02 -8.77 -13.12
C GLY A 282 -8.53 -9.11 -13.07
N GLY A 283 -7.83 -8.61 -12.04
CA GLY A 283 -6.40 -8.90 -11.92
C GLY A 283 -5.49 -7.85 -12.58
N LEU A 284 -6.08 -6.82 -13.23
CA LEU A 284 -5.32 -5.89 -14.08
C LEU A 284 -4.17 -5.22 -13.30
N SER A 285 -4.45 -4.75 -12.09
CA SER A 285 -3.41 -4.05 -11.33
C SER A 285 -2.26 -4.98 -10.93
N LEU A 286 -2.39 -6.28 -11.13
CA LEU A 286 -1.30 -7.18 -10.71
C LEU A 286 -0.29 -7.44 -11.83
N VAL A 287 -0.56 -6.95 -13.04
CA VAL A 287 0.25 -7.34 -14.20
C VAL A 287 1.44 -6.37 -14.32
N HIS A 288 2.67 -6.88 -14.30
CA HIS A 288 3.81 -6.00 -14.51
C HIS A 288 3.94 -5.50 -15.96
N ALA A 289 4.82 -4.51 -16.14
CA ALA A 289 5.10 -3.91 -17.42
C ALA A 289 5.67 -4.97 -18.37
N GLU B 23 -26.45 -29.84 -9.96
CA GLU B 23 -25.77 -30.43 -8.79
C GLU B 23 -25.08 -29.33 -7.98
N ALA B 24 -25.05 -29.53 -6.67
CA ALA B 24 -24.58 -28.58 -5.67
C ALA B 24 -23.05 -28.44 -5.73
N PRO B 25 -22.49 -27.23 -5.53
CA PRO B 25 -21.03 -27.07 -5.47
C PRO B 25 -20.51 -27.53 -4.11
N ALA B 26 -19.17 -27.65 -3.99
CA ALA B 26 -18.52 -28.08 -2.76
C ALA B 26 -17.36 -27.17 -2.39
N ALA B 27 -17.15 -27.00 -1.08
CA ALA B 27 -16.12 -26.10 -0.55
C ALA B 27 -15.29 -26.82 0.51
N VAL B 28 -14.00 -26.50 0.56
CA VAL B 28 -13.15 -26.89 1.66
C VAL B 28 -12.96 -25.64 2.53
N VAL B 29 -13.19 -25.78 3.84
CA VAL B 29 -12.90 -24.71 4.77
C VAL B 29 -11.88 -25.22 5.82
N THR B 30 -10.71 -24.55 5.92
CA THR B 30 -9.71 -25.03 6.86
C THR B 30 -9.97 -24.39 8.22
N GLY B 31 -9.62 -25.10 9.29
CA GLY B 31 -9.87 -24.65 10.64
C GLY B 31 -11.33 -24.30 10.85
N ALA B 32 -12.26 -25.19 10.43
CA ALA B 32 -13.67 -24.85 10.36
C ALA B 32 -14.48 -25.36 11.55
N ALA B 33 -13.81 -25.87 12.59
CA ALA B 33 -14.55 -26.49 13.70
C ALA B 33 -15.28 -25.43 14.53
N LYS B 34 -14.69 -24.23 14.65
CA LYS B 34 -15.16 -23.24 15.61
C LYS B 34 -15.00 -21.84 15.03
N ARG B 35 -15.64 -20.84 15.66
CA ARG B 35 -15.32 -19.42 15.42
C ARG B 35 -15.60 -19.07 13.96
N ILE B 36 -14.64 -18.38 13.32
CA ILE B 36 -14.91 -17.77 12.03
C ILE B 36 -14.98 -18.89 10.98
N GLY B 37 -14.05 -19.86 11.03
CA GLY B 37 -14.10 -20.99 10.10
C GLY B 37 -15.45 -21.72 10.14
N ARG B 38 -15.97 -21.89 11.35
CA ARG B 38 -17.29 -22.47 11.50
C ARG B 38 -18.35 -21.59 10.83
N ALA B 39 -18.30 -20.27 11.07
CA ALA B 39 -19.34 -19.41 10.53
C ALA B 39 -19.28 -19.43 9.01
N ILE B 40 -18.05 -19.50 8.46
CA ILE B 40 -17.91 -19.62 7.01
C ILE B 40 -18.56 -20.90 6.48
N ALA B 41 -18.17 -22.06 7.05
CA ALA B 41 -18.74 -23.35 6.63
C ALA B 41 -20.26 -23.35 6.66
N VAL B 42 -20.85 -22.81 7.73
CA VAL B 42 -22.31 -22.76 7.92
C VAL B 42 -22.96 -21.89 6.86
N LYS B 43 -22.39 -20.68 6.61
CA LYS B 43 -23.01 -19.82 5.61
C LYS B 43 -22.87 -20.43 4.22
N LEU B 44 -21.70 -21.04 3.93
CA LEU B 44 -21.57 -21.69 2.63
C LEU B 44 -22.65 -22.78 2.51
N HIS B 45 -22.77 -23.57 3.59
CA HIS B 45 -23.72 -24.69 3.61
C HIS B 45 -25.15 -24.15 3.44
N GLN B 46 -25.48 -23.05 4.15
CA GLN B 46 -26.79 -22.42 4.01
C GLN B 46 -27.06 -21.92 2.59
N THR B 47 -26.00 -21.61 1.83
CA THR B 47 -26.11 -21.06 0.49
C THR B 47 -26.28 -22.20 -0.52
N GLY B 48 -26.06 -23.45 -0.09
CA GLY B 48 -26.26 -24.62 -0.94
C GLY B 48 -24.98 -25.44 -1.15
N TYR B 49 -23.87 -25.09 -0.49
CA TYR B 49 -22.60 -25.80 -0.72
C TYR B 49 -22.56 -27.09 0.09
N ARG B 50 -21.81 -28.06 -0.44
CA ARG B 50 -21.45 -29.21 0.41
C ARG B 50 -20.07 -28.80 0.98
N VAL B 51 -19.73 -29.17 2.21
CA VAL B 51 -18.48 -28.68 2.82
C VAL B 51 -17.60 -29.81 3.35
N VAL B 52 -16.28 -29.60 3.30
CA VAL B 52 -15.32 -30.33 4.10
C VAL B 52 -14.94 -29.42 5.25
N ILE B 53 -15.17 -29.92 6.47
CA ILE B 53 -14.75 -29.19 7.66
C ILE B 53 -13.39 -29.72 8.06
N HIS B 54 -12.32 -28.94 7.78
CA HIS B 54 -11.00 -29.37 8.22
C HIS B 54 -10.82 -28.93 9.67
N TYR B 55 -10.03 -29.72 10.43
CA TYR B 55 -9.76 -29.34 11.81
C TYR B 55 -8.42 -29.93 12.26
N HIS B 56 -7.95 -29.48 13.42
CA HIS B 56 -6.71 -30.02 13.94
C HIS B 56 -6.96 -30.61 15.32
N ASN B 57 -7.24 -29.77 16.33
CA ASN B 57 -7.45 -30.29 17.67
C ASN B 57 -8.92 -30.33 18.09
N SER B 58 -9.80 -29.57 17.43
CA SER B 58 -11.16 -29.43 17.91
C SER B 58 -12.06 -30.53 17.34
N ALA B 59 -11.76 -31.77 17.71
CA ALA B 59 -12.30 -32.93 17.00
C ALA B 59 -13.80 -33.14 17.26
N GLU B 60 -14.20 -33.03 18.53
CA GLU B 60 -15.61 -33.07 18.93
C GLU B 60 -16.41 -31.96 18.27
N ALA B 61 -15.88 -30.72 18.25
CA ALA B 61 -16.64 -29.64 17.65
C ALA B 61 -16.77 -29.86 16.14
N ALA B 62 -15.72 -30.38 15.50
CA ALA B 62 -15.77 -30.58 14.05
C ALA B 62 -16.82 -31.65 13.70
N VAL B 63 -16.78 -32.76 14.45
CA VAL B 63 -17.66 -33.87 14.12
C VAL B 63 -19.11 -33.44 14.41
N SER B 64 -19.34 -32.78 15.57
CA SER B 64 -20.70 -32.33 15.86
C SER B 64 -21.23 -31.32 14.84
N LEU B 65 -20.35 -30.43 14.31
CA LEU B 65 -20.77 -29.45 13.32
C LEU B 65 -21.22 -30.20 12.07
N ALA B 66 -20.35 -31.09 11.57
CA ALA B 66 -20.70 -31.85 10.38
C ALA B 66 -22.00 -32.64 10.60
N ASP B 67 -22.20 -33.15 11.82
CA ASP B 67 -23.40 -33.90 12.16
C ASP B 67 -24.65 -33.00 12.07
N GLU B 68 -24.57 -31.79 12.65
CA GLU B 68 -25.63 -30.78 12.60
CA GLU B 68 -25.70 -30.87 12.59
C GLU B 68 -25.96 -30.48 11.13
N LEU B 69 -24.89 -30.30 10.33
CA LEU B 69 -25.10 -29.96 8.93
C LEU B 69 -25.77 -31.12 8.17
N ASN B 70 -25.32 -32.36 8.45
CA ASN B 70 -25.86 -33.53 7.76
C ASN B 70 -27.30 -33.81 8.22
N LYS B 71 -27.64 -33.41 9.44
CA LYS B 71 -29.04 -33.48 9.87
C LYS B 71 -29.92 -32.53 9.05
N GLU B 72 -29.39 -31.37 8.64
CA GLU B 72 -30.08 -30.41 7.81
CA GLU B 72 -30.12 -30.43 7.83
C GLU B 72 -30.24 -30.98 6.40
N ARG B 73 -29.15 -31.52 5.83
CA ARG B 73 -29.20 -32.08 4.48
C ARG B 73 -28.23 -33.27 4.39
N SER B 74 -28.74 -34.44 3.96
CA SER B 74 -28.02 -35.69 4.12
C SER B 74 -26.67 -35.65 3.39
N ASN B 75 -25.61 -36.09 4.08
CA ASN B 75 -24.28 -36.30 3.49
C ASN B 75 -23.81 -35.04 2.76
N THR B 76 -23.97 -33.86 3.40
CA THR B 76 -23.50 -32.64 2.74
C THR B 76 -22.25 -32.10 3.45
N ALA B 77 -21.73 -32.83 4.45
CA ALA B 77 -20.57 -32.38 5.20
C ALA B 77 -19.74 -33.60 5.59
N VAL B 78 -18.42 -33.47 5.41
CA VAL B 78 -17.45 -34.45 5.93
C VAL B 78 -16.42 -33.68 6.75
N VAL B 79 -15.68 -34.40 7.59
CA VAL B 79 -14.55 -33.80 8.28
C VAL B 79 -13.24 -34.37 7.77
N CYS B 80 -12.17 -33.58 7.90
CA CYS B 80 -10.83 -34.05 7.58
C CYS B 80 -9.84 -33.40 8.56
N GLN B 81 -9.24 -34.23 9.42
CA GLN B 81 -8.22 -33.79 10.36
CA GLN B 81 -8.22 -33.77 10.35
C GLN B 81 -6.87 -33.68 9.64
N ALA B 82 -6.15 -32.55 9.84
CA ALA B 82 -4.74 -32.46 9.44
C ALA B 82 -4.01 -31.40 10.23
N ASP B 83 -2.80 -31.72 10.68
CA ASP B 83 -1.88 -30.73 11.20
C ASP B 83 -1.32 -29.93 10.02
N LEU B 84 -1.40 -28.60 10.09
CA LEU B 84 -0.92 -27.81 8.97
C LEU B 84 0.42 -27.17 9.28
N THR B 85 1.09 -27.63 10.36
CA THR B 85 2.48 -27.29 10.61
C THR B 85 3.33 -27.63 9.39
N ASN B 86 4.31 -26.75 9.06
CA ASN B 86 5.22 -27.05 7.98
C ASN B 86 6.06 -28.30 8.32
N SER B 87 6.21 -29.18 7.34
CA SER B 87 7.01 -30.39 7.50
C SER B 87 7.17 -30.98 6.12
N ASN B 88 7.95 -32.07 6.00
CA ASN B 88 8.07 -32.73 4.71
C ASN B 88 6.81 -33.56 4.38
N VAL B 89 5.91 -33.81 5.35
CA VAL B 89 4.63 -34.48 5.04
C VAL B 89 3.48 -33.49 4.80
N LEU B 90 3.74 -32.18 4.90
CA LEU B 90 2.64 -31.24 4.78
C LEU B 90 2.03 -31.29 3.39
N PRO B 91 2.82 -31.37 2.28
CA PRO B 91 2.21 -31.44 0.95
C PRO B 91 1.20 -32.59 0.80
N ALA B 92 1.56 -33.77 1.33
CA ALA B 92 0.68 -34.94 1.33
C ALA B 92 -0.60 -34.67 2.11
N SER B 93 -0.49 -34.10 3.32
CA SER B 93 -1.68 -33.75 4.06
C SER B 93 -2.59 -32.85 3.22
N CYS B 94 -2.02 -31.81 2.59
CA CYS B 94 -2.85 -30.81 1.90
C CYS B 94 -3.55 -31.46 0.71
N GLU B 95 -2.82 -32.31 -0.01
CA GLU B 95 -3.40 -33.02 -1.14
C GLU B 95 -4.57 -33.89 -0.67
N GLU B 96 -4.42 -34.50 0.52
CA GLU B 96 -5.47 -35.34 1.08
C GLU B 96 -6.71 -34.52 1.47
N ILE B 97 -6.51 -33.28 1.94
CA ILE B 97 -7.66 -32.45 2.28
C ILE B 97 -8.47 -32.20 1.01
N ILE B 98 -7.79 -31.80 -0.06
CA ILE B 98 -8.48 -31.55 -1.32
C ILE B 98 -9.10 -32.88 -1.80
N ASN B 99 -8.31 -33.96 -1.69
CA ASN B 99 -8.79 -35.28 -2.12
C ASN B 99 -10.12 -35.64 -1.43
N SER B 100 -10.25 -35.34 -0.12
CA SER B 100 -11.42 -35.68 0.65
C SER B 100 -12.68 -34.98 0.13
N CYS B 101 -12.52 -33.78 -0.46
CA CYS B 101 -13.65 -33.10 -1.09
C CYS B 101 -14.07 -33.82 -2.37
N PHE B 102 -13.08 -34.27 -3.17
CA PHE B 102 -13.42 -34.97 -4.40
C PHE B 102 -14.06 -36.34 -4.08
N ARG B 103 -13.49 -37.06 -3.10
CA ARG B 103 -14.03 -38.34 -2.63
C ARG B 103 -15.47 -38.15 -2.18
N ALA B 104 -15.74 -37.15 -1.34
CA ALA B 104 -17.09 -36.97 -0.80
C ALA B 104 -18.07 -36.48 -1.85
N PHE B 105 -17.65 -35.54 -2.70
CA PHE B 105 -18.65 -34.72 -3.38
C PHE B 105 -18.37 -34.69 -4.87
N GLY B 106 -17.23 -35.24 -5.29
CA GLY B 106 -16.98 -35.39 -6.72
C GLY B 106 -16.47 -34.11 -7.37
N ARG B 107 -16.26 -33.04 -6.58
CA ARG B 107 -15.80 -31.78 -7.16
C ARG B 107 -15.32 -30.91 -6.00
N CYS B 108 -14.66 -29.78 -6.34
CA CYS B 108 -14.19 -28.82 -5.32
C CYS B 108 -14.18 -27.43 -5.97
N ASP B 109 -15.20 -26.62 -5.62
CA ASP B 109 -15.44 -25.35 -6.28
C ASP B 109 -14.76 -24.21 -5.52
N VAL B 110 -14.64 -24.36 -4.19
CA VAL B 110 -14.22 -23.25 -3.33
C VAL B 110 -13.23 -23.80 -2.29
N LEU B 111 -12.14 -23.07 -2.05
CA LEU B 111 -11.19 -23.33 -0.97
C LEU B 111 -11.15 -22.05 -0.12
N VAL B 112 -11.36 -22.21 1.18
CA VAL B 112 -11.23 -21.11 2.12
C VAL B 112 -10.05 -21.44 3.03
N ASN B 113 -8.95 -20.70 2.86
CA ASN B 113 -7.79 -20.85 3.75
C ASN B 113 -8.03 -19.98 4.99
N ASN B 114 -8.54 -20.61 6.05
CA ASN B 114 -8.96 -19.94 7.28
C ASN B 114 -8.09 -20.32 8.47
N ALA B 115 -7.58 -21.58 8.51
CA ALA B 115 -6.83 -22.04 9.68
C ALA B 115 -5.64 -21.14 9.94
N SER B 116 -5.36 -20.89 11.23
CA SER B 116 -4.31 -19.97 11.57
C SER B 116 -3.76 -20.27 12.96
N ALA B 117 -2.43 -20.43 13.09
CA ALA B 117 -1.77 -20.31 14.38
C ALA B 117 -1.47 -18.84 14.69
N PHE B 118 -1.60 -18.44 15.97
CA PHE B 118 -1.39 -17.08 16.43
C PHE B 118 -0.84 -17.13 17.85
N TYR B 119 0.39 -16.63 18.05
CA TYR B 119 0.99 -16.50 19.36
C TYR B 119 2.30 -15.73 19.20
N PRO B 120 2.80 -15.08 20.27
CA PRO B 120 3.99 -14.23 20.18
C PRO B 120 5.23 -15.09 19.92
N THR B 121 6.16 -14.54 19.14
CA THR B 121 7.48 -15.10 18.90
C THR B 121 8.51 -13.97 19.00
N PRO B 122 8.86 -13.57 20.24
CA PRO B 122 9.73 -12.41 20.46
C PRO B 122 11.06 -12.62 19.77
N LEU B 123 11.66 -11.54 19.24
CA LEU B 123 12.99 -11.69 18.67
C LEU B 123 14.05 -11.78 19.78
N VAL B 124 13.76 -11.23 20.97
CA VAL B 124 14.77 -11.05 22.00
C VAL B 124 14.49 -11.97 23.21
N GLY B 134 6.88 -22.03 24.90
CA GLY B 134 7.68 -23.17 25.42
C GLY B 134 8.23 -24.05 24.30
N LYS B 135 8.01 -23.61 23.06
CA LYS B 135 8.37 -24.31 21.84
C LYS B 135 9.73 -23.83 21.33
N THR B 136 10.41 -24.69 20.58
CA THR B 136 11.65 -24.24 19.97
C THR B 136 11.32 -23.26 18.83
N VAL B 137 12.36 -22.49 18.46
CA VAL B 137 12.19 -21.55 17.38
C VAL B 137 11.79 -22.31 16.12
N GLU B 138 12.39 -23.51 15.87
CA GLU B 138 12.07 -24.22 14.64
CA GLU B 138 12.08 -24.31 14.69
C GLU B 138 10.60 -24.64 14.62
N THR B 139 10.00 -24.87 15.79
CA THR B 139 8.59 -25.23 15.93
C THR B 139 7.69 -24.02 15.65
N GLN B 140 8.07 -22.86 16.25
CA GLN B 140 7.39 -21.59 16.00
C GLN B 140 7.35 -21.32 14.48
N VAL B 141 8.52 -21.41 13.83
CA VAL B 141 8.59 -21.21 12.38
C VAL B 141 7.62 -22.16 11.70
N ALA B 142 7.77 -23.46 12.03
CA ALA B 142 6.97 -24.49 11.36
C ALA B 142 5.47 -24.25 11.56
N GLU B 143 5.03 -23.91 12.78
CA GLU B 143 3.59 -23.76 12.96
C GLU B 143 3.05 -22.44 12.36
N LEU B 144 3.78 -21.33 12.55
CA LEU B 144 3.22 -20.06 12.14
C LEU B 144 3.33 -19.86 10.64
N ILE B 145 4.45 -20.29 10.03
CA ILE B 145 4.59 -20.13 8.59
C ILE B 145 3.84 -21.22 7.84
N GLY B 146 3.86 -22.45 8.37
CA GLY B 146 3.04 -23.56 7.85
C GLY B 146 1.55 -23.21 7.75
N THR B 147 0.90 -22.87 8.88
CA THR B 147 -0.56 -22.74 8.88
C THR B 147 -0.97 -21.51 8.08
N ASN B 148 -0.23 -20.39 8.24
CA ASN B 148 -0.64 -19.10 7.69
C ASN B 148 -0.27 -18.94 6.22
N ALA B 149 0.72 -19.69 5.71
CA ALA B 149 1.21 -19.43 4.37
C ALA B 149 1.49 -20.70 3.58
N ILE B 150 2.37 -21.55 4.10
CA ILE B 150 2.78 -22.72 3.32
C ILE B 150 1.59 -23.66 3.00
N ALA B 151 0.79 -23.99 4.02
CA ALA B 151 -0.37 -24.84 3.79
C ALA B 151 -1.32 -24.18 2.78
N PRO B 152 -1.68 -22.87 2.90
CA PRO B 152 -2.43 -22.21 1.84
C PRO B 152 -1.87 -22.40 0.43
N PHE B 153 -0.53 -22.29 0.28
CA PHE B 153 0.12 -22.47 -1.02
C PHE B 153 -0.13 -23.89 -1.53
N LEU B 154 0.12 -24.88 -0.65
CA LEU B 154 0.02 -26.30 -1.00
C LEU B 154 -1.43 -26.68 -1.30
N LEU B 155 -2.38 -26.21 -0.49
CA LEU B 155 -3.80 -26.38 -0.81
C LEU B 155 -4.19 -25.75 -2.15
N THR B 156 -3.66 -24.54 -2.44
CA THR B 156 -3.98 -23.84 -3.69
C THR B 156 -3.48 -24.69 -4.85
N MET B 157 -2.26 -25.24 -4.71
CA MET B 157 -1.66 -26.08 -5.74
C MET B 157 -2.54 -27.31 -6.00
N SER B 158 -2.97 -28.01 -4.93
CA SER B 158 -3.76 -29.23 -5.08
C SER B 158 -5.14 -28.86 -5.61
N PHE B 159 -5.68 -27.75 -5.11
CA PHE B 159 -6.96 -27.25 -5.60
C PHE B 159 -6.89 -27.07 -7.12
N ALA B 160 -5.89 -26.33 -7.59
CA ALA B 160 -5.83 -25.98 -9.01
C ALA B 160 -5.62 -27.23 -9.87
N GLN B 161 -4.73 -28.10 -9.40
CA GLN B 161 -4.32 -29.24 -10.22
C GLN B 161 -5.47 -30.24 -10.39
N ARG B 162 -6.32 -30.37 -9.36
CA ARG B 162 -7.39 -31.35 -9.38
C ARG B 162 -8.57 -30.87 -10.25
N GLN B 163 -8.54 -29.64 -10.73
CA GLN B 163 -9.68 -29.15 -11.52
C GLN B 163 -9.86 -30.04 -12.74
N LYS B 164 -11.10 -30.54 -12.92
CA LYS B 164 -11.50 -31.44 -13.99
C LYS B 164 -12.81 -30.91 -14.61
N SER B 173 -18.00 -23.66 -12.97
CA SER B 173 -18.49 -22.37 -13.52
C SER B 173 -18.08 -21.18 -12.63
N ASN B 174 -17.92 -21.42 -11.32
CA ASN B 174 -17.53 -20.36 -10.40
C ASN B 174 -16.54 -20.87 -9.34
N LEU B 175 -15.28 -21.03 -9.75
CA LEU B 175 -14.23 -21.55 -8.89
C LEU B 175 -13.51 -20.39 -8.24
N SER B 176 -13.30 -20.50 -6.92
CA SER B 176 -12.56 -19.44 -6.25
C SER B 176 -11.92 -19.89 -4.94
N ILE B 177 -10.91 -19.14 -4.54
CA ILE B 177 -10.18 -19.32 -3.30
C ILE B 177 -10.29 -18.01 -2.52
N VAL B 178 -10.54 -18.14 -1.21
CA VAL B 178 -10.57 -16.98 -0.33
C VAL B 178 -9.59 -17.24 0.82
N ASN B 179 -8.65 -16.30 1.02
CA ASN B 179 -7.62 -16.44 2.04
C ASN B 179 -7.93 -15.46 3.17
N LEU B 180 -7.92 -15.95 4.43
CA LEU B 180 -8.17 -15.11 5.58
C LEU B 180 -6.86 -14.40 5.96
N CYS B 181 -6.83 -13.08 5.63
CA CYS B 181 -5.69 -12.20 5.83
C CYS B 181 -5.87 -11.50 7.18
N ASP B 182 -5.25 -10.33 7.35
CA ASP B 182 -5.31 -9.63 8.61
C ASP B 182 -5.20 -8.14 8.31
N ALA B 183 -6.20 -7.34 8.74
CA ALA B 183 -6.20 -5.92 8.37
C ALA B 183 -5.05 -5.16 9.02
N MET B 184 -4.48 -5.71 10.10
CA MET B 184 -3.53 -4.99 10.91
C MET B 184 -2.07 -5.39 10.62
N VAL B 185 -1.82 -5.99 9.44
CA VAL B 185 -0.50 -6.53 9.13
C VAL B 185 0.56 -5.46 8.97
N ASP B 186 0.16 -4.21 8.67
CA ASP B 186 1.13 -3.12 8.53
C ASP B 186 1.27 -2.31 9.82
N GLN B 187 0.51 -2.68 10.84
CA GLN B 187 0.61 -2.04 12.15
C GLN B 187 0.60 -3.19 13.15
N PRO B 188 1.62 -4.09 13.11
CA PRO B 188 1.49 -5.37 13.82
C PRO B 188 1.57 -5.28 15.34
N CSX B 189 1.05 -6.30 16.00
CA CSX B 189 1.24 -6.50 17.43
CB CSX B 189 0.42 -7.71 17.94
SG CSX B 189 -1.35 -7.31 18.01
C CSX B 189 2.72 -6.70 17.72
O CSX B 189 3.43 -7.38 16.98
OD CSX B 189 -1.52 -6.62 19.33
N MET B 190 3.19 -6.08 18.80
CA MET B 190 4.57 -6.23 19.27
C MET B 190 4.90 -7.71 19.46
N ALA B 191 6.06 -8.19 18.97
CA ALA B 191 6.54 -9.55 19.24
C ALA B 191 5.81 -10.63 18.44
N PHE B 192 5.10 -10.27 17.36
CA PHE B 192 4.45 -11.28 16.51
C PHE B 192 5.07 -11.30 15.12
N SER B 193 6.40 -11.35 15.04
CA SER B 193 7.05 -11.28 13.74
CA SER B 193 7.09 -11.30 13.75
C SER B 193 6.67 -12.47 12.85
N LEU B 194 6.72 -13.70 13.40
CA LEU B 194 6.47 -14.87 12.55
C LEU B 194 5.03 -14.89 12.04
N TYR B 195 4.07 -14.59 12.91
CA TYR B 195 2.67 -14.49 12.53
C TYR B 195 2.50 -13.48 11.39
N ASN B 196 3.09 -12.30 11.60
CA ASN B 196 3.00 -11.20 10.66
CA ASN B 196 2.95 -11.22 10.64
C ASN B 196 3.65 -11.61 9.34
N MET B 197 4.81 -12.29 9.43
CA MET B 197 5.46 -12.75 8.20
C MET B 197 4.54 -13.70 7.42
N GLY B 198 3.87 -14.58 8.16
CA GLY B 198 2.98 -15.56 7.57
C GLY B 198 1.79 -14.88 6.86
N LYS B 199 1.21 -13.89 7.51
CA LYS B 199 0.07 -13.20 6.91
C LYS B 199 0.49 -12.35 5.70
N HIS B 200 1.68 -11.69 5.75
CA HIS B 200 2.20 -11.01 4.58
C HIS B 200 2.42 -12.01 3.45
N ALA B 201 3.03 -13.17 3.76
CA ALA B 201 3.23 -14.15 2.68
C ALA B 201 1.89 -14.52 2.03
N LEU B 202 0.84 -14.61 2.84
CA LEU B 202 -0.53 -14.95 2.40
C LEU B 202 -1.08 -13.89 1.45
N VAL B 203 -0.76 -12.61 1.72
CA VAL B 203 -1.08 -11.55 0.78
C VAL B 203 -0.38 -11.86 -0.54
N GLY B 204 0.93 -12.15 -0.47
CA GLY B 204 1.66 -12.39 -1.71
C GLY B 204 1.06 -13.57 -2.46
N LEU B 205 0.68 -14.65 -1.75
CA LEU B 205 0.07 -15.80 -2.42
C LEU B 205 -1.26 -15.41 -3.11
N THR B 206 -2.07 -14.59 -2.44
CA THR B 206 -3.37 -14.22 -3.00
C THR B 206 -3.14 -13.51 -4.35
N GLN B 207 -2.15 -12.58 -4.37
CA GLN B 207 -1.85 -11.84 -5.59
C GLN B 207 -1.28 -12.78 -6.66
N SER B 208 -0.19 -13.48 -6.32
CA SER B 208 0.47 -14.39 -7.24
C SER B 208 -0.51 -15.43 -7.81
N ALA B 209 -1.31 -16.07 -6.96
CA ALA B 209 -2.21 -17.10 -7.44
C ALA B 209 -3.37 -16.50 -8.24
N ALA B 210 -3.85 -15.31 -7.85
CA ALA B 210 -4.81 -14.62 -8.71
C ALA B 210 -4.28 -14.46 -10.14
N LEU B 211 -3.03 -13.97 -10.28
CA LEU B 211 -2.50 -13.72 -11.63
C LEU B 211 -2.39 -15.03 -12.41
N GLU B 212 -1.81 -16.03 -11.74
CA GLU B 212 -1.48 -17.29 -12.40
C GLU B 212 -2.73 -18.12 -12.68
N LEU B 213 -3.78 -18.03 -11.81
CA LEU B 213 -4.92 -18.92 -11.97
C LEU B 213 -6.05 -18.27 -12.77
N ALA B 214 -5.90 -16.98 -13.08
CA ALA B 214 -6.93 -16.26 -13.81
C ALA B 214 -7.23 -16.93 -15.14
N PRO B 215 -6.22 -17.44 -15.90
CA PRO B 215 -6.49 -18.08 -17.19
C PRO B 215 -7.33 -19.34 -17.08
N TYR B 216 -7.44 -19.91 -15.87
CA TYR B 216 -8.23 -21.11 -15.64
C TYR B 216 -9.57 -20.72 -15.04
N GLY B 217 -9.84 -19.42 -14.91
CA GLY B 217 -11.10 -18.94 -14.39
C GLY B 217 -11.21 -19.12 -12.88
N ILE B 218 -10.09 -19.36 -12.18
CA ILE B 218 -10.14 -19.48 -10.74
C ILE B 218 -9.77 -18.12 -10.14
N ARG B 219 -10.71 -17.52 -9.38
CA ARG B 219 -10.47 -16.23 -8.75
C ARG B 219 -9.85 -16.48 -7.39
N VAL B 220 -8.98 -15.55 -6.97
CA VAL B 220 -8.31 -15.74 -5.68
C VAL B 220 -8.35 -14.39 -4.96
N ASN B 221 -8.92 -14.38 -3.74
CA ASN B 221 -9.17 -13.12 -3.05
C ASN B 221 -8.92 -13.31 -1.57
N GLY B 222 -9.02 -12.21 -0.82
CA GLY B 222 -8.80 -12.34 0.61
C GLY B 222 -9.86 -11.55 1.37
N VAL B 223 -10.01 -11.94 2.63
CA VAL B 223 -10.83 -11.21 3.59
C VAL B 223 -9.90 -10.91 4.75
N ALA B 224 -9.87 -9.64 5.21
CA ALA B 224 -8.90 -9.22 6.21
C ALA B 224 -9.64 -8.67 7.44
N PRO B 225 -9.90 -9.52 8.46
CA PRO B 225 -10.52 -9.06 9.70
C PRO B 225 -9.61 -8.12 10.47
N GLY B 226 -10.23 -7.26 11.28
CA GLY B 226 -9.47 -6.48 12.23
C GLY B 226 -9.49 -7.20 13.57
N VAL B 227 -10.42 -6.78 14.42
CA VAL B 227 -10.73 -7.59 15.60
CA VAL B 227 -10.75 -7.56 15.61
C VAL B 227 -12.11 -8.19 15.38
N SER B 228 -12.14 -9.52 15.45
CA SER B 228 -13.38 -10.26 15.38
C SER B 228 -13.52 -10.98 16.73
N LEU B 229 -14.16 -12.16 16.75
CA LEU B 229 -14.41 -12.88 17.97
C LEU B 229 -13.11 -12.93 18.75
N LEU B 230 -13.11 -12.32 19.94
CA LEU B 230 -11.92 -12.38 20.77
C LEU B 230 -11.96 -13.70 21.53
N PRO B 231 -10.82 -14.26 21.98
CA PRO B 231 -10.83 -15.47 22.82
C PRO B 231 -11.86 -15.44 23.96
N VAL B 232 -12.60 -16.55 24.12
CA VAL B 232 -13.67 -16.66 25.12
C VAL B 232 -13.11 -16.33 26.52
N ALA B 233 -11.85 -16.73 26.74
CA ALA B 233 -11.14 -16.71 28.01
C ALA B 233 -10.51 -15.34 28.33
N MET B 234 -10.28 -14.50 27.31
CA MET B 234 -9.81 -13.14 27.52
C MET B 234 -10.80 -12.39 28.43
N GLY B 235 -10.30 -11.75 29.50
CA GLY B 235 -11.14 -10.92 30.36
C GLY B 235 -11.94 -9.89 29.55
N GLU B 236 -13.18 -9.59 29.99
CA GLU B 236 -14.00 -8.58 29.32
C GLU B 236 -13.29 -7.23 29.30
N GLU B 237 -12.55 -6.90 30.38
CA GLU B 237 -11.88 -5.61 30.50
C GLU B 237 -10.77 -5.49 29.44
N GLU B 238 -10.11 -6.61 29.12
CA GLU B 238 -9.15 -6.67 28.03
C GLU B 238 -9.86 -6.56 26.67
N LYS B 239 -10.95 -7.29 26.49
CA LYS B 239 -11.72 -7.28 25.24
C LYS B 239 -12.14 -5.84 24.94
N ASP B 240 -12.53 -5.12 26.01
CA ASP B 240 -13.03 -3.76 25.87
C ASP B 240 -11.94 -2.78 25.43
N LYS B 241 -10.68 -3.04 25.83
CA LYS B 241 -9.54 -2.29 25.33
C LYS B 241 -9.51 -2.32 23.80
N TRP B 242 -9.72 -3.50 23.21
CA TRP B 242 -9.73 -3.61 21.75
C TRP B 242 -11.00 -2.99 21.19
N ARG B 243 -12.14 -3.31 21.81
CA ARG B 243 -13.44 -2.81 21.29
C ARG B 243 -13.41 -1.28 21.24
N ARG B 244 -12.85 -0.65 22.27
CA ARG B 244 -12.87 0.79 22.35
C ARG B 244 -12.10 1.43 21.19
N LYS B 245 -11.17 0.70 20.58
CA LYS B 245 -10.37 1.29 19.52
C LYS B 245 -11.09 1.27 18.18
N VAL B 246 -12.21 0.53 18.05
CA VAL B 246 -12.83 0.36 16.74
C VAL B 246 -13.78 1.51 16.44
N PRO B 247 -13.54 2.31 15.37
CA PRO B 247 -14.44 3.43 15.06
C PRO B 247 -15.91 3.06 14.88
N LEU B 248 -16.17 1.98 14.16
CA LEU B 248 -17.54 1.66 13.79
C LEU B 248 -18.21 0.83 14.90
N GLY B 249 -18.70 1.52 15.94
CA GLY B 249 -19.55 0.89 16.94
C GLY B 249 -18.81 0.39 18.18
N ARG B 250 -17.49 0.59 18.25
CA ARG B 250 -16.67 0.21 19.39
C ARG B 250 -16.95 -1.24 19.76
N ARG B 251 -17.02 -2.03 18.73
CA ARG B 251 -17.21 -3.50 18.89
CA ARG B 251 -17.19 -3.49 18.91
C ARG B 251 -16.42 -4.36 17.83
N GLU B 252 -16.15 -5.58 18.22
CA GLU B 252 -15.49 -6.55 17.37
C GLU B 252 -16.48 -7.04 16.33
N ALA B 253 -15.96 -7.50 15.17
CA ALA B 253 -16.79 -8.17 14.18
C ALA B 253 -17.31 -9.49 14.76
N SER B 254 -18.56 -9.80 14.44
CA SER B 254 -19.06 -11.14 14.60
C SER B 254 -18.38 -12.04 13.57
N ALA B 255 -18.37 -13.34 13.86
CA ALA B 255 -17.87 -14.32 12.93
C ALA B 255 -18.72 -14.24 11.67
N GLU B 256 -20.02 -13.97 11.84
CA GLU B 256 -20.92 -13.99 10.69
C GLU B 256 -20.61 -12.82 9.73
N GLN B 257 -20.24 -11.67 10.30
CA GLN B 257 -19.82 -10.49 9.53
C GLN B 257 -18.62 -10.82 8.63
N ILE B 258 -17.64 -11.56 9.18
CA ILE B 258 -16.49 -11.98 8.38
C ILE B 258 -16.97 -12.94 7.30
N ALA B 259 -17.80 -13.94 7.68
CA ALA B 259 -18.31 -14.90 6.70
C ALA B 259 -19.08 -14.21 5.56
N ASP B 260 -19.80 -13.11 5.85
CA ASP B 260 -20.56 -12.41 4.81
C ASP B 260 -19.67 -11.94 3.66
N ALA B 261 -18.45 -11.53 3.98
CA ALA B 261 -17.53 -11.05 2.94
C ALA B 261 -17.06 -12.24 2.12
N VAL B 262 -16.83 -13.40 2.77
CA VAL B 262 -16.37 -14.58 2.04
C VAL B 262 -17.46 -14.97 1.05
N ILE B 263 -18.70 -15.00 1.57
CA ILE B 263 -19.88 -15.33 0.78
C ILE B 263 -19.98 -14.44 -0.45
N PHE B 264 -19.75 -13.12 -0.26
CA PHE B 264 -19.76 -12.22 -1.41
C PHE B 264 -18.68 -12.63 -2.42
N LEU B 265 -17.45 -12.81 -1.94
CA LEU B 265 -16.34 -13.10 -2.86
C LEU B 265 -16.55 -14.38 -3.64
N VAL B 266 -17.28 -15.36 -3.04
CA VAL B 266 -17.42 -16.63 -3.76
C VAL B 266 -18.59 -16.55 -4.75
N SER B 267 -19.47 -15.56 -4.57
CA SER B 267 -20.75 -15.46 -5.28
C SER B 267 -20.57 -14.95 -6.72
N GLY B 268 -21.63 -15.11 -7.51
CA GLY B 268 -21.73 -14.50 -8.84
C GLY B 268 -21.69 -12.96 -8.84
N SER B 269 -21.80 -12.31 -7.67
CA SER B 269 -21.70 -10.85 -7.64
C SER B 269 -20.24 -10.37 -7.69
N ALA B 270 -19.29 -11.31 -7.65
CA ALA B 270 -17.88 -10.98 -7.56
C ALA B 270 -17.11 -11.64 -8.70
N GLN B 271 -17.78 -11.90 -9.83
CA GLN B 271 -17.21 -12.70 -10.92
CA GLN B 271 -17.15 -12.73 -10.85
C GLN B 271 -16.04 -12.01 -11.62
N TYR B 272 -15.86 -10.68 -11.44
CA TYR B 272 -14.73 -9.99 -12.06
C TYR B 272 -13.65 -9.65 -11.04
N ILE B 273 -13.88 -10.03 -9.76
CA ILE B 273 -12.97 -9.68 -8.69
C ILE B 273 -11.94 -10.79 -8.47
N THR B 274 -10.67 -10.46 -8.63
CA THR B 274 -9.58 -11.40 -8.33
C THR B 274 -8.37 -10.58 -7.88
N GLY B 275 -7.61 -11.09 -6.88
CA GLY B 275 -6.46 -10.38 -6.37
C GLY B 275 -6.84 -9.31 -5.36
N SER B 276 -8.10 -9.25 -4.91
CA SER B 276 -8.53 -8.17 -4.04
C SER B 276 -8.58 -8.72 -2.63
N ILE B 277 -8.33 -7.86 -1.64
CA ILE B 277 -8.45 -8.23 -0.25
C ILE B 277 -9.37 -7.20 0.40
N ILE B 278 -10.52 -7.66 0.89
CA ILE B 278 -11.52 -6.79 1.47
C ILE B 278 -11.28 -6.74 2.97
N LYS B 279 -10.96 -5.54 3.49
CA LYS B 279 -10.85 -5.37 4.93
C LYS B 279 -12.25 -5.40 5.53
N VAL B 280 -12.38 -6.09 6.69
CA VAL B 280 -13.64 -6.12 7.42
C VAL B 280 -13.29 -5.81 8.85
N ASP B 281 -13.03 -4.53 9.13
CA ASP B 281 -12.34 -4.19 10.35
C ASP B 281 -12.99 -3.00 11.07
N GLY B 282 -14.16 -2.51 10.62
CA GLY B 282 -14.85 -1.44 11.32
C GLY B 282 -14.00 -0.16 11.42
N GLY B 283 -13.01 0.00 10.52
CA GLY B 283 -12.18 1.20 10.57
C GLY B 283 -10.92 1.04 11.44
N LEU B 284 -10.71 -0.13 12.06
CA LEU B 284 -9.62 -0.30 13.02
C LEU B 284 -8.26 0.09 12.43
N SER B 285 -7.96 -0.35 11.19
CA SER B 285 -6.63 -0.09 10.65
C SER B 285 -6.40 1.38 10.30
N LEU B 286 -7.44 2.24 10.41
CA LEU B 286 -7.36 3.68 10.13
C LEU B 286 -6.89 4.48 11.35
N VAL B 287 -6.83 3.84 12.52
CA VAL B 287 -6.68 4.52 13.79
C VAL B 287 -5.19 4.59 14.10
N HIS B 288 -4.67 5.82 14.31
CA HIS B 288 -3.26 6.02 14.64
C HIS B 288 -3.03 5.66 16.10
N ALA B 289 -1.76 5.50 16.46
CA ALA B 289 -1.39 5.14 17.82
C ALA B 289 -1.80 6.27 18.78
N GLU C 23 29.14 26.02 -12.92
CA GLU C 23 28.90 26.71 -11.62
C GLU C 23 27.89 25.92 -10.77
N ALA C 24 27.50 26.53 -9.64
CA ALA C 24 26.78 25.88 -8.57
C ALA C 24 25.33 25.63 -9.02
N PRO C 25 24.74 24.45 -8.73
CA PRO C 25 23.33 24.22 -9.06
C PRO C 25 22.43 25.06 -8.15
N ALA C 26 21.12 25.21 -8.52
CA ALA C 26 20.20 26.04 -7.75
C ALA C 26 18.95 25.24 -7.39
N ALA C 27 18.38 25.57 -6.22
CA ALA C 27 17.21 24.86 -5.72
C ALA C 27 16.17 25.88 -5.28
N VAL C 28 14.90 25.55 -5.59
CA VAL C 28 13.81 26.27 -4.95
C VAL C 28 13.28 25.43 -3.80
N VAL C 29 13.12 26.06 -2.61
CA VAL C 29 12.47 25.41 -1.50
C VAL C 29 11.26 26.24 -1.08
N THR C 30 10.06 25.62 -1.12
CA THR C 30 8.86 26.37 -0.73
C THR C 30 8.70 26.31 0.79
N GLY C 31 8.13 27.37 1.37
CA GLY C 31 7.93 27.46 2.81
C GLY C 31 9.25 27.27 3.54
N ALA C 32 10.31 27.95 3.09
CA ALA C 32 11.65 27.66 3.56
C ALA C 32 12.15 28.64 4.63
N ALA C 33 11.28 29.51 5.16
CA ALA C 33 11.71 30.50 6.14
C ALA C 33 11.97 29.90 7.52
N LYS C 34 11.27 28.80 7.86
CA LYS C 34 11.29 28.26 9.22
C LYS C 34 11.27 26.73 9.22
N ARG C 35 11.56 26.12 10.39
CA ARG C 35 11.32 24.70 10.64
C ARG C 35 11.98 23.82 9.57
N ILE C 36 11.19 22.91 8.98
CA ILE C 36 11.78 21.90 8.11
C ILE C 36 12.28 22.54 6.80
N GLY C 37 11.47 23.41 6.20
CA GLY C 37 11.92 24.05 4.97
C GLY C 37 13.22 24.82 5.19
N ARG C 38 13.37 25.49 6.36
CA ARG C 38 14.62 26.13 6.71
C ARG C 38 15.78 25.14 6.74
N ALA C 39 15.63 24.02 7.47
CA ALA C 39 16.67 23.01 7.55
C ALA C 39 17.06 22.49 6.17
N ILE C 40 16.05 22.23 5.31
CA ILE C 40 16.31 21.79 3.93
C ILE C 40 17.14 22.85 3.17
N ALA C 41 16.68 24.11 3.18
CA ALA C 41 17.40 25.22 2.52
C ALA C 41 18.85 25.27 3.00
N VAL C 42 19.05 25.26 4.31
CA VAL C 42 20.41 25.29 4.87
C VAL C 42 21.25 24.12 4.40
N LYS C 43 20.69 22.91 4.50
CA LYS C 43 21.44 21.73 4.13
C LYS C 43 21.81 21.75 2.65
N LEU C 44 20.86 22.09 1.76
CA LEU C 44 21.19 22.22 0.33
C LEU C 44 22.30 23.27 0.14
N HIS C 45 22.15 24.39 0.85
CA HIS C 45 23.15 25.45 0.67
C HIS C 45 24.54 24.96 1.15
N GLN C 46 24.55 24.19 2.24
CA GLN C 46 25.80 23.66 2.77
C GLN C 46 26.40 22.63 1.83
N THR C 47 25.58 22.04 0.95
CA THR C 47 26.03 21.02 0.01
C THR C 47 26.55 21.70 -1.26
N GLY C 48 26.30 23.01 -1.39
CA GLY C 48 26.83 23.78 -2.52
C GLY C 48 25.74 24.32 -3.43
N TYR C 49 24.46 24.27 -3.02
CA TYR C 49 23.43 24.84 -3.87
C TYR C 49 23.28 26.34 -3.60
N ARG C 50 22.90 27.08 -4.63
CA ARG C 50 22.23 28.37 -4.46
C ARG C 50 20.74 28.13 -4.21
N VAL C 51 20.09 28.96 -3.39
CA VAL C 51 18.73 28.63 -2.94
C VAL C 51 17.77 29.83 -3.09
N VAL C 52 16.55 29.51 -3.54
CA VAL C 52 15.43 30.44 -3.43
C VAL C 52 14.62 30.04 -2.22
N ILE C 53 14.50 30.97 -1.26
CA ILE C 53 13.72 30.72 -0.07
C ILE C 53 12.34 31.32 -0.34
N HIS C 54 11.37 30.45 -0.64
CA HIS C 54 9.99 30.90 -0.83
C HIS C 54 9.41 31.06 0.57
N TYR C 55 8.53 32.06 0.76
CA TYR C 55 7.82 32.21 2.00
C TYR C 55 6.45 32.82 1.70
N HIS C 56 5.55 32.76 2.69
CA HIS C 56 4.24 33.36 2.57
C HIS C 56 4.13 34.54 3.52
N ASN C 57 4.16 34.30 4.84
CA ASN C 57 3.98 35.40 5.77
C ASN C 57 5.26 35.71 6.53
N SER C 58 6.21 34.78 6.58
CA SER C 58 7.37 34.94 7.46
C SER C 58 8.51 35.74 6.79
N ALA C 59 8.24 37.03 6.53
CA ALA C 59 9.16 37.87 5.77
C ALA C 59 10.49 38.04 6.50
N GLU C 60 10.42 38.39 7.80
CA GLU C 60 11.60 38.71 8.56
CA GLU C 60 11.61 38.72 8.56
C GLU C 60 12.49 37.47 8.63
N ALA C 61 11.86 36.30 8.90
CA ALA C 61 12.65 35.09 9.03
C ALA C 61 13.28 34.73 7.70
N ALA C 62 12.56 34.93 6.60
CA ALA C 62 13.11 34.54 5.30
C ALA C 62 14.31 35.41 4.95
N VAL C 63 14.17 36.72 5.18
CA VAL C 63 15.22 37.67 4.79
C VAL C 63 16.45 37.39 5.65
N SER C 64 16.17 37.14 6.94
CA SER C 64 17.23 36.79 7.88
C SER C 64 18.00 35.54 7.45
N LEU C 65 17.30 34.51 6.94
CA LEU C 65 17.97 33.31 6.48
C LEU C 65 18.82 33.62 5.25
N ALA C 66 18.25 34.35 4.26
CA ALA C 66 19.03 34.67 3.06
C ALA C 66 20.33 35.41 3.43
N ASP C 67 20.22 36.30 4.42
CA ASP C 67 21.35 37.10 4.89
C ASP C 67 22.44 36.18 5.43
N GLU C 68 22.02 35.24 6.28
CA GLU C 68 22.93 34.32 6.93
C GLU C 68 23.64 33.47 5.87
N LEU C 69 22.88 32.94 4.90
CA LEU C 69 23.49 32.12 3.86
C LEU C 69 24.43 32.92 2.95
N ASN C 70 24.02 34.13 2.59
CA ASN C 70 24.83 35.01 1.75
C ASN C 70 26.14 35.40 2.42
N LYS C 71 26.15 35.50 3.76
CA LYS C 71 27.36 35.73 4.53
C LYS C 71 28.35 34.59 4.34
N GLU C 72 27.84 33.36 4.23
CA GLU C 72 28.66 32.19 4.01
C GLU C 72 29.27 32.26 2.61
N ARG C 73 28.43 32.55 1.60
CA ARG C 73 28.86 32.66 0.22
C ARG C 73 28.00 33.71 -0.47
N SER C 74 28.67 34.72 -1.06
CA SER C 74 27.95 35.86 -1.61
C SER C 74 27.04 35.44 -2.77
N ASN C 75 25.84 36.02 -2.84
CA ASN C 75 25.01 35.89 -4.03
C ASN C 75 24.61 34.41 -4.20
N THR C 76 24.27 33.76 -3.10
CA THR C 76 23.83 32.38 -3.24
C THR C 76 22.44 32.13 -2.66
N ALA C 77 21.77 33.14 -2.09
CA ALA C 77 20.44 32.97 -1.51
C ALA C 77 19.57 34.16 -1.86
N VAL C 78 18.29 33.91 -2.22
CA VAL C 78 17.35 35.01 -2.43
C VAL C 78 16.00 34.60 -1.84
N VAL C 79 15.05 35.56 -1.75
CA VAL C 79 13.73 35.26 -1.20
C VAL C 79 12.68 35.51 -2.27
N CYS C 80 11.55 34.80 -2.15
CA CYS C 80 10.46 34.95 -3.10
C CYS C 80 9.18 34.79 -2.29
N GLN C 81 8.30 35.81 -2.28
CA GLN C 81 7.07 35.73 -1.51
C GLN C 81 5.95 35.24 -2.44
N ALA C 82 5.14 34.28 -1.98
CA ALA C 82 3.94 33.89 -2.72
C ALA C 82 2.92 33.21 -1.81
N ASP C 83 1.62 33.53 -2.01
CA ASP C 83 0.55 32.75 -1.41
C ASP C 83 0.31 31.53 -2.31
N LEU C 84 0.28 30.32 -1.74
CA LEU C 84 0.10 29.12 -2.55
C LEU C 84 -1.32 28.56 -2.44
N THR C 85 -2.24 29.38 -1.88
CA THR C 85 -3.67 29.10 -1.92
C THR C 85 -4.13 28.85 -3.36
N ASN C 86 -5.04 27.87 -3.55
CA ASN C 86 -5.63 27.68 -4.87
C ASN C 86 -6.49 28.89 -5.27
N SER C 87 -6.35 29.32 -6.54
CA SER C 87 -7.08 30.44 -7.13
C SER C 87 -6.74 30.44 -8.62
N ASN C 88 -7.42 31.32 -9.37
CA ASN C 88 -7.12 31.40 -10.79
CA ASN C 88 -7.18 31.55 -10.79
C ASN C 88 -5.79 32.12 -11.04
N VAL C 89 -5.18 32.74 -10.02
CA VAL C 89 -3.84 33.32 -10.22
C VAL C 89 -2.69 32.40 -9.78
N LEU C 90 -3.01 31.24 -9.18
CA LEU C 90 -2.01 30.36 -8.61
C LEU C 90 -1.02 29.90 -9.69
N PRO C 91 -1.47 29.53 -10.93
CA PRO C 91 -0.51 29.12 -11.95
C PRO C 91 0.55 30.17 -12.26
N ALA C 92 0.11 31.44 -12.38
CA ALA C 92 1.06 32.54 -12.57
C ALA C 92 1.99 32.67 -11.37
N SER C 93 1.45 32.56 -10.14
CA SER C 93 2.34 32.63 -8.99
C SER C 93 3.42 31.56 -9.05
N CYS C 94 3.05 30.32 -9.42
CA CYS C 94 4.00 29.22 -9.41
C CYS C 94 5.05 29.42 -10.51
N GLU C 95 4.60 29.84 -11.70
CA GLU C 95 5.51 30.21 -12.77
CA GLU C 95 5.50 30.22 -12.77
C GLU C 95 6.56 31.20 -12.27
N GLU C 96 6.12 32.25 -11.53
CA GLU C 96 6.95 33.31 -10.98
CA GLU C 96 7.02 33.28 -11.08
C GLU C 96 8.00 32.75 -10.02
N ILE C 97 7.59 31.75 -9.19
CA ILE C 97 8.53 31.20 -8.20
C ILE C 97 9.71 30.56 -8.95
N ILE C 98 9.38 29.74 -9.93
CA ILE C 98 10.42 29.04 -10.69
C ILE C 98 11.28 30.10 -11.38
N ASN C 99 10.57 31.11 -11.92
CA ASN C 99 11.22 32.14 -12.70
C ASN C 99 12.21 32.89 -11.83
N SER C 100 11.88 33.07 -10.55
CA SER C 100 12.77 33.76 -9.64
C SER C 100 14.15 33.07 -9.55
N CYS C 101 14.18 31.72 -9.62
CA CYS C 101 15.42 30.96 -9.56
C CYS C 101 16.25 31.23 -10.84
N PHE C 102 15.58 31.24 -11.99
CA PHE C 102 16.27 31.52 -13.24
C PHE C 102 16.82 32.95 -13.30
N ARG C 103 16.06 33.92 -12.77
CA ARG C 103 16.47 35.32 -12.88
CA ARG C 103 16.47 35.32 -12.88
C ARG C 103 17.68 35.57 -11.99
N ALA C 104 17.68 34.95 -10.80
CA ALA C 104 18.78 35.09 -9.86
C ALA C 104 19.99 34.27 -10.29
N PHE C 105 19.79 33.01 -10.71
CA PHE C 105 20.89 32.06 -10.76
C PHE C 105 21.09 31.48 -12.16
N GLY C 106 20.16 31.79 -13.07
CA GLY C 106 20.26 31.35 -14.47
C GLY C 106 20.00 29.85 -14.68
N ARG C 107 19.57 29.13 -13.64
CA ARG C 107 19.24 27.71 -13.77
C ARG C 107 18.38 27.31 -12.56
N CYS C 108 17.79 26.11 -12.65
CA CYS C 108 16.97 25.58 -11.56
C CYS C 108 17.06 24.05 -11.62
N ASP C 109 17.76 23.47 -10.65
CA ASP C 109 18.12 22.06 -10.75
C ASP C 109 17.21 21.20 -9.86
N VAL C 110 16.77 21.79 -8.73
CA VAL C 110 16.02 21.06 -7.71
C VAL C 110 14.82 21.90 -7.27
N LEU C 111 13.67 21.23 -7.10
CA LEU C 111 12.47 21.82 -6.52
C LEU C 111 12.12 21.01 -5.26
N VAL C 112 11.93 21.70 -4.13
CA VAL C 112 11.48 20.99 -2.95
C VAL C 112 10.10 21.53 -2.59
N ASN C 113 9.05 20.68 -2.70
CA ASN C 113 7.72 21.15 -2.35
C ASN C 113 7.47 20.85 -0.87
N ASN C 114 7.70 21.87 -0.04
CA ASN C 114 7.67 21.72 1.41
C ASN C 114 6.51 22.52 2.01
N ALA C 115 6.12 23.65 1.38
CA ALA C 115 5.10 24.53 1.98
C ALA C 115 3.79 23.76 2.23
N SER C 116 3.15 24.02 3.38
CA SER C 116 1.97 23.23 3.68
C SER C 116 1.06 23.99 4.65
N ALA C 117 -0.25 24.04 4.34
CA ALA C 117 -1.22 24.44 5.33
C ALA C 117 -1.71 23.18 6.05
N PHE C 118 -2.06 23.34 7.33
CA PHE C 118 -2.48 22.21 8.14
C PHE C 118 -3.39 22.71 9.26
N TYR C 119 -4.65 22.27 9.27
CA TYR C 119 -5.59 22.61 10.33
C TYR C 119 -6.84 21.76 10.15
N PRO C 120 -7.67 21.57 11.20
CA PRO C 120 -8.81 20.66 11.08
C PRO C 120 -9.90 21.23 10.17
N THR C 121 -10.55 20.36 9.39
CA THR C 121 -11.68 20.71 8.55
C THR C 121 -12.76 19.67 8.78
N PRO C 122 -13.51 19.76 9.92
CA PRO C 122 -14.49 18.75 10.28
C PRO C 122 -15.55 18.63 9.19
N LEU C 123 -15.98 17.39 8.97
CA LEU C 123 -17.03 17.11 8.01
C LEU C 123 -18.37 17.61 8.54
N VAL C 124 -18.51 17.60 9.87
CA VAL C 124 -19.68 18.09 10.58
C VAL C 124 -19.26 19.29 11.44
N GLN C 125 -19.38 20.48 10.86
CA GLN C 125 -19.11 21.77 11.49
C GLN C 125 -19.44 22.88 10.49
N LYS C 135 -13.01 30.47 8.79
CA LYS C 135 -12.71 30.38 7.33
C LYS C 135 -13.88 29.63 6.68
N THR C 136 -14.30 30.07 5.50
CA THR C 136 -15.38 29.39 4.81
C THR C 136 -14.85 28.06 4.29
N VAL C 137 -15.78 27.17 3.94
CA VAL C 137 -15.37 25.87 3.46
C VAL C 137 -14.56 26.03 2.18
N GLU C 138 -14.94 27.02 1.35
CA GLU C 138 -14.20 27.18 0.09
C GLU C 138 -12.77 27.66 0.33
N THR C 139 -12.57 28.46 1.40
CA THR C 139 -11.23 28.86 1.80
C THR C 139 -10.43 27.67 2.32
N GLN C 140 -11.10 26.84 3.13
CA GLN C 140 -10.44 25.64 3.65
C GLN C 140 -9.94 24.79 2.47
N VAL C 141 -10.81 24.56 1.48
CA VAL C 141 -10.41 23.80 0.30
C VAL C 141 -9.21 24.48 -0.38
N ALA C 142 -9.35 25.78 -0.68
CA ALA C 142 -8.32 26.46 -1.46
C ALA C 142 -6.97 26.38 -0.76
N GLU C 143 -6.96 26.63 0.55
CA GLU C 143 -5.69 26.64 1.28
C GLU C 143 -5.10 25.24 1.36
N LEU C 144 -5.90 24.27 1.82
CA LEU C 144 -5.35 22.96 2.12
C LEU C 144 -5.00 22.19 0.86
N ILE C 145 -5.87 22.23 -0.17
CA ILE C 145 -5.60 21.52 -1.43
C ILE C 145 -4.61 22.31 -2.30
N GLY C 146 -4.72 23.64 -2.27
CA GLY C 146 -3.74 24.43 -3.02
C GLY C 146 -2.30 24.22 -2.56
N THR C 147 -2.03 24.38 -1.24
CA THR C 147 -0.65 24.33 -0.75
C THR C 147 -0.07 22.92 -0.86
N ASN C 148 -0.88 21.91 -0.51
CA ASN C 148 -0.39 20.55 -0.33
C ASN C 148 -0.32 19.82 -1.68
N ALA C 149 -1.10 20.26 -2.68
CA ALA C 149 -1.13 19.49 -3.92
C ALA C 149 -1.12 20.32 -5.21
N ILE C 150 -2.03 21.29 -5.34
CA ILE C 150 -2.14 21.98 -6.62
C ILE C 150 -0.89 22.84 -6.85
N ALA C 151 -0.44 23.57 -5.82
CA ALA C 151 0.80 24.34 -5.98
C ALA C 151 1.96 23.42 -6.36
N PRO C 152 2.17 22.27 -5.67
CA PRO C 152 3.19 21.32 -6.11
C PRO C 152 3.08 20.87 -7.56
N PHE C 153 1.85 20.62 -8.05
CA PHE C 153 1.67 20.24 -9.46
C PHE C 153 2.09 21.40 -10.39
N LEU C 154 1.63 22.62 -10.11
CA LEU C 154 1.90 23.76 -10.99
C LEU C 154 3.38 24.11 -10.99
N LEU C 155 4.01 24.08 -9.80
CA LEU C 155 5.45 24.25 -9.69
C LEU C 155 6.21 23.20 -10.51
N THR C 156 5.71 21.94 -10.44
CA THR C 156 6.32 20.81 -11.13
C THR C 156 6.24 21.09 -12.63
N MET C 157 5.09 21.54 -13.10
CA MET C 157 4.90 21.86 -14.53
C MET C 157 5.88 22.99 -14.94
N SER C 158 5.91 24.07 -14.15
CA SER C 158 6.80 25.22 -14.47
C SER C 158 8.27 24.81 -14.46
N PHE C 159 8.67 24.05 -13.44
CA PHE C 159 10.02 23.47 -13.37
C PHE C 159 10.34 22.64 -14.62
N ALA C 160 9.46 21.70 -14.97
CA ALA C 160 9.74 20.79 -16.06
C ALA C 160 9.81 21.54 -17.40
N GLN C 161 8.91 22.51 -17.61
CA GLN C 161 8.78 23.21 -18.88
C GLN C 161 10.06 23.99 -19.17
N ARG C 162 10.71 24.49 -18.10
CA ARG C 162 11.88 25.36 -18.20
C ARG C 162 13.14 24.53 -18.47
N GLN C 163 13.01 23.21 -18.51
CA GLN C 163 14.19 22.35 -18.68
C GLN C 163 14.25 21.91 -20.15
N SER C 173 24.19 16.86 -15.39
CA SER C 173 22.81 17.25 -14.96
C SER C 173 22.25 16.25 -13.95
N ASN C 174 21.70 16.78 -12.84
CA ASN C 174 21.06 16.00 -11.80
C ASN C 174 19.82 16.73 -11.31
N LEU C 175 18.78 16.67 -12.13
CA LEU C 175 17.52 17.38 -11.91
C LEU C 175 16.61 16.53 -11.04
N SER C 176 16.03 17.11 -9.98
CA SER C 176 15.04 16.31 -9.28
C SER C 176 14.11 17.19 -8.45
N ILE C 177 12.97 16.57 -8.09
CA ILE C 177 11.94 17.19 -7.29
C ILE C 177 11.75 16.30 -6.06
N VAL C 178 11.59 16.96 -4.89
CA VAL C 178 11.30 16.23 -3.67
C VAL C 178 10.04 16.83 -3.06
N ASN C 179 9.06 15.95 -2.80
CA ASN C 179 7.77 16.38 -2.26
C ASN C 179 7.72 15.99 -0.79
N LEU C 180 7.35 16.93 0.09
CA LEU C 180 7.21 16.59 1.51
C LEU C 180 5.83 16.01 1.71
N CYS C 181 5.79 14.70 1.98
CA CYS C 181 4.56 13.93 2.14
C CYS C 181 4.26 13.78 3.63
N ASP C 182 3.58 12.69 4.02
CA ASP C 182 3.22 12.51 5.42
C ASP C 182 3.10 11.00 5.66
N ALA C 183 3.91 10.46 6.59
CA ALA C 183 3.92 9.05 6.89
C ALA C 183 2.59 8.53 7.45
N MET C 184 1.72 9.41 7.98
CA MET C 184 0.53 9.00 8.73
C MET C 184 -0.75 9.15 7.89
N VAL C 185 -0.60 9.18 6.56
CA VAL C 185 -1.71 9.51 5.69
C VAL C 185 -2.76 8.40 5.70
N ASP C 186 -2.33 7.16 5.97
CA ASP C 186 -3.29 6.05 6.02
C ASP C 186 -3.86 5.80 7.41
N GLN C 187 -3.40 6.58 8.38
CA GLN C 187 -3.96 6.49 9.72
C GLN C 187 -4.14 7.94 10.17
N PRO C 188 -5.06 8.68 9.52
CA PRO C 188 -5.09 10.15 9.66
C PRO C 188 -5.63 10.66 10.99
N CSX C 189 -5.24 11.89 11.34
CA CSX C 189 -5.87 12.61 12.45
CB CSX C 189 -5.21 13.97 12.69
SG CSX C 189 -3.54 13.63 13.29
C CSX C 189 -7.37 12.81 12.18
O CSX C 189 -7.78 13.10 11.06
OD CSX C 189 -3.71 13.60 14.77
N MET C 190 -8.17 12.65 13.24
CA MET C 190 -9.61 12.85 13.18
C MET C 190 -9.88 14.30 12.72
N ALA C 191 -10.79 14.51 11.76
CA ALA C 191 -11.23 15.84 11.33
C ALA C 191 -10.23 16.58 10.43
N PHE C 192 -9.27 15.85 9.81
CA PHE C 192 -8.29 16.45 8.93
C PHE C 192 -8.47 15.95 7.48
N SER C 193 -9.73 15.86 7.02
CA SER C 193 -9.95 15.23 5.71
CA SER C 193 -9.99 15.26 5.70
C SER C 193 -9.28 16.04 4.60
N LEU C 194 -9.43 17.37 4.59
CA LEU C 194 -8.85 18.11 3.47
C LEU C 194 -7.33 18.00 3.45
N TYR C 195 -6.68 18.13 4.61
CA TYR C 195 -5.23 17.97 4.68
C TYR C 195 -4.81 16.60 4.11
N ASN C 196 -5.52 15.54 4.54
CA ASN C 196 -5.21 14.16 4.14
CA ASN C 196 -5.12 14.19 4.12
C ASN C 196 -5.41 14.01 2.64
N MET C 197 -6.50 14.58 2.13
CA MET C 197 -6.71 14.56 0.68
C MET C 197 -5.53 15.17 -0.07
N GLY C 198 -5.06 16.33 0.40
CA GLY C 198 -3.97 17.08 -0.22
C GLY C 198 -2.68 16.24 -0.25
N LYS C 199 -2.37 15.54 0.85
CA LYS C 199 -1.15 14.75 0.96
C LYS C 199 -1.27 13.48 0.12
N HIS C 200 -2.50 12.92 0.01
CA HIS C 200 -2.64 11.75 -0.83
C HIS C 200 -2.48 12.16 -2.29
N ALA C 201 -3.07 13.33 -2.65
CA ALA C 201 -2.90 13.88 -4.00
C ALA C 201 -1.42 14.08 -4.30
N LEU C 202 -0.65 14.53 -3.29
CA LEU C 202 0.79 14.72 -3.43
C LEU C 202 1.53 13.40 -3.74
N VAL C 203 1.08 12.29 -3.10
CA VAL C 203 1.63 10.97 -3.44
C VAL C 203 1.35 10.69 -4.91
N GLY C 204 0.10 10.91 -5.35
CA GLY C 204 -0.27 10.70 -6.74
C GLY C 204 0.60 11.53 -7.68
N LEU C 205 0.81 12.82 -7.34
CA LEU C 205 1.66 13.66 -8.17
C LEU C 205 3.09 13.09 -8.22
N THR C 206 3.59 12.64 -7.06
CA THR C 206 4.96 12.11 -7.04
C THR C 206 5.11 10.96 -8.04
N GLN C 207 4.14 10.04 -7.99
CA GLN C 207 4.20 8.89 -8.89
C GLN C 207 4.01 9.30 -10.35
N SER C 208 2.94 10.07 -10.63
CA SER C 208 2.61 10.44 -12.01
C SER C 208 3.74 11.26 -12.64
N ALA C 209 4.29 12.19 -11.87
CA ALA C 209 5.37 13.04 -12.39
C ALA C 209 6.67 12.25 -12.54
N ALA C 210 6.94 11.31 -11.61
CA ALA C 210 8.13 10.48 -11.77
C ALA C 210 8.06 9.75 -13.12
N LEU C 211 6.91 9.13 -13.39
CA LEU C 211 6.79 8.38 -14.64
C LEU C 211 6.94 9.32 -15.85
N GLU C 212 6.25 10.46 -15.82
CA GLU C 212 6.16 11.33 -17.00
C GLU C 212 7.48 12.07 -17.24
N LEU C 213 8.20 12.43 -16.17
CA LEU C 213 9.42 13.22 -16.32
C LEU C 213 10.67 12.34 -16.42
N ALA C 214 10.51 11.02 -16.24
CA ALA C 214 11.68 10.14 -16.26
C ALA C 214 12.41 10.21 -17.60
N PRO C 215 11.71 10.26 -18.76
CA PRO C 215 12.41 10.43 -20.04
C PRO C 215 13.28 11.69 -20.15
N TYR C 216 13.01 12.71 -19.32
CA TYR C 216 13.80 13.94 -19.36
C TYR C 216 14.92 13.90 -18.32
N GLY C 217 15.05 12.78 -17.60
CA GLY C 217 16.07 12.65 -16.57
C GLY C 217 15.71 13.42 -15.29
N ILE C 218 14.45 13.86 -15.13
CA ILE C 218 14.04 14.48 -13.86
C ILE C 218 13.46 13.39 -12.97
N ARG C 219 14.10 13.19 -11.80
CA ARG C 219 13.61 12.28 -10.77
C ARG C 219 12.61 13.01 -9.88
N VAL C 220 11.62 12.26 -9.38
CA VAL C 220 10.57 12.83 -8.54
C VAL C 220 10.36 11.87 -7.38
N ASN C 221 10.60 12.34 -6.14
CA ASN C 221 10.56 11.48 -4.97
C ASN C 221 9.91 12.23 -3.82
N GLY C 222 9.68 11.50 -2.73
CA GLY C 222 8.99 12.08 -1.58
C GLY C 222 9.76 11.74 -0.31
N VAL C 223 9.57 12.57 0.71
CA VAL C 223 10.01 12.29 2.05
C VAL C 223 8.78 12.48 2.93
N ALA C 224 8.50 11.48 3.77
CA ALA C 224 7.26 11.45 4.54
C ALA C 224 7.63 11.47 6.02
N PRO C 225 7.63 12.65 6.68
CA PRO C 225 7.84 12.70 8.13
C PRO C 225 6.66 12.09 8.88
N GLY C 226 6.95 11.61 10.10
CA GLY C 226 5.88 11.25 11.02
C GLY C 226 5.57 12.41 11.96
N VAL C 227 6.25 12.39 13.11
CA VAL C 227 6.24 13.59 13.93
C VAL C 227 7.65 14.17 13.93
N SER C 228 7.71 15.40 13.41
CA SER C 228 8.94 16.14 13.43
C SER C 228 8.64 17.35 14.31
N LEU C 229 9.24 18.50 14.02
CA LEU C 229 9.00 19.65 14.88
C LEU C 229 7.50 19.80 15.05
N LEU C 230 7.07 19.88 16.32
CA LEU C 230 5.64 19.99 16.58
C LEU C 230 5.15 21.43 16.39
N PRO C 231 3.84 21.66 16.10
CA PRO C 231 3.32 23.03 15.99
C PRO C 231 3.80 23.90 17.17
N VAL C 232 4.27 25.12 16.87
CA VAL C 232 4.81 25.99 17.91
C VAL C 232 3.74 26.29 18.96
N ALA C 233 2.46 26.30 18.51
CA ALA C 233 1.32 26.68 19.33
C ALA C 233 0.77 25.50 20.14
N MET C 234 1.16 24.27 19.80
CA MET C 234 0.75 23.10 20.56
C MET C 234 1.48 23.14 21.91
N GLY C 235 0.72 22.85 22.99
CA GLY C 235 1.26 22.83 24.33
C GLY C 235 2.24 21.65 24.50
N GLU C 236 3.20 21.86 25.41
CA GLU C 236 4.23 20.89 25.75
C GLU C 236 3.65 19.53 26.15
N GLU C 237 2.47 19.53 26.80
CA GLU C 237 1.84 18.29 27.26
C GLU C 237 1.33 17.47 26.07
N GLU C 238 0.67 18.12 25.10
CA GLU C 238 0.20 17.43 23.90
C GLU C 238 1.39 16.91 23.08
N LYS C 239 2.48 17.70 23.04
CA LYS C 239 3.70 17.32 22.35
C LYS C 239 4.25 16.02 22.94
N ASP C 240 4.28 15.93 24.27
CA ASP C 240 4.81 14.76 24.97
C ASP C 240 3.98 13.51 24.61
N LYS C 241 2.67 13.70 24.39
CA LYS C 241 1.77 12.60 24.04
C LYS C 241 2.19 12.00 22.69
N TRP C 242 2.57 12.84 21.72
CA TRP C 242 3.01 12.33 20.43
C TRP C 242 4.40 11.68 20.53
N ARG C 243 5.30 12.34 21.27
CA ARG C 243 6.67 11.87 21.44
C ARG C 243 6.65 10.45 22.00
N ARG C 244 5.77 10.22 22.99
CA ARG C 244 5.66 8.92 23.66
C ARG C 244 5.23 7.77 22.73
N LYS C 245 4.63 8.09 21.58
CA LYS C 245 4.15 7.04 20.69
C LYS C 245 5.28 6.54 19.77
N VAL C 246 6.39 7.28 19.66
CA VAL C 246 7.38 7.00 18.62
C VAL C 246 8.27 5.87 19.12
N PRO C 247 8.33 4.70 18.42
CA PRO C 247 9.15 3.58 18.89
C PRO C 247 10.64 3.91 18.96
N LEU C 248 11.17 4.58 17.94
CA LEU C 248 12.59 4.83 17.90
C LEU C 248 12.93 6.10 18.70
N GLY C 249 13.08 5.93 20.03
CA GLY C 249 13.67 6.93 20.91
C GLY C 249 12.63 7.82 21.60
N ARG C 250 11.33 7.59 21.34
CA ARG C 250 10.27 8.34 22.02
C ARG C 250 10.47 9.85 21.89
N ARG C 251 10.83 10.29 20.68
CA ARG C 251 11.02 11.70 20.38
C ARG C 251 10.65 11.93 18.91
N GLU C 252 10.36 13.21 18.60
CA GLU C 252 10.10 13.64 17.24
C GLU C 252 11.42 13.72 16.46
N ALA C 253 11.32 13.71 15.13
CA ALA C 253 12.50 13.96 14.31
C ALA C 253 12.89 15.44 14.44
N SER C 254 14.20 15.68 14.41
CA SER C 254 14.70 17.05 14.21
C SER C 254 14.47 17.43 12.75
N ALA C 255 14.40 18.75 12.48
CA ALA C 255 14.24 19.18 11.10
C ALA C 255 15.44 18.68 10.28
N GLU C 256 16.62 18.66 10.92
CA GLU C 256 17.83 18.20 10.24
C GLU C 256 17.69 16.75 9.75
N GLN C 257 17.06 15.89 10.56
CA GLN C 257 16.89 14.50 10.15
C GLN C 257 15.98 14.41 8.92
N ILE C 258 14.96 15.27 8.84
CA ILE C 258 14.10 15.28 7.65
C ILE C 258 14.92 15.73 6.44
N ALA C 259 15.67 16.84 6.61
CA ALA C 259 16.52 17.39 5.56
C ALA C 259 17.55 16.38 5.07
N ASP C 260 18.09 15.57 6.00
CA ASP C 260 19.02 14.50 5.60
C ASP C 260 18.43 13.60 4.51
N ALA C 261 17.12 13.27 4.61
CA ALA C 261 16.59 12.34 3.61
C ALA C 261 16.41 13.05 2.26
N VAL C 262 16.01 14.34 2.33
CA VAL C 262 15.90 15.19 1.15
C VAL C 262 17.25 15.25 0.43
N ILE C 263 18.31 15.55 1.20
CA ILE C 263 19.67 15.62 0.66
C ILE C 263 20.06 14.33 -0.06
N PHE C 264 19.75 13.17 0.55
CA PHE C 264 20.07 11.89 -0.10
C PHE C 264 19.38 11.80 -1.47
N LEU C 265 18.07 12.09 -1.50
CA LEU C 265 17.29 11.92 -2.72
C LEU C 265 17.78 12.87 -3.82
N VAL C 266 18.31 14.04 -3.43
CA VAL C 266 18.77 14.93 -4.50
C VAL C 266 20.17 14.52 -4.97
N SER C 267 20.90 13.78 -4.11
CA SER C 267 22.31 13.46 -4.34
C SER C 267 22.50 12.49 -5.50
N GLY C 268 23.77 12.36 -5.97
CA GLY C 268 24.12 11.31 -6.93
C GLY C 268 24.01 9.89 -6.35
N SER C 269 23.81 9.76 -5.03
CA SER C 269 23.61 8.44 -4.42
C SER C 269 22.20 7.89 -4.66
N ALA C 270 21.32 8.68 -5.31
CA ALA C 270 19.93 8.33 -5.54
C ALA C 270 19.63 8.41 -7.04
N GLN C 271 20.66 8.29 -7.85
CA GLN C 271 20.56 8.52 -9.30
C GLN C 271 19.54 7.58 -9.94
N TYR C 272 19.20 6.47 -9.28
CA TYR C 272 18.31 5.53 -9.94
C TYR C 272 16.94 5.55 -9.26
N ILE C 273 16.79 6.40 -8.25
CA ILE C 273 15.56 6.38 -7.49
C ILE C 273 14.63 7.43 -8.06
N THR C 274 13.46 6.97 -8.51
CA THR C 274 12.38 7.91 -8.80
C THR C 274 11.06 7.25 -8.43
N GLY C 275 10.09 8.08 -8.01
CA GLY C 275 8.78 7.58 -7.64
C GLY C 275 8.76 6.92 -6.26
N SER C 276 9.84 7.12 -5.47
CA SER C 276 9.94 6.48 -4.17
C SER C 276 9.60 7.52 -3.12
N ILE C 277 8.99 7.07 -2.02
CA ILE C 277 8.68 7.93 -0.90
C ILE C 277 9.33 7.32 0.34
N ILE C 278 10.28 8.03 0.95
CA ILE C 278 11.02 7.51 2.10
C ILE C 278 10.36 8.01 3.38
N LYS C 279 9.82 7.09 4.20
CA LYS C 279 9.32 7.55 5.48
C LYS C 279 10.51 7.84 6.39
N VAL C 280 10.35 8.89 7.20
CA VAL C 280 11.34 9.31 8.19
C VAL C 280 10.56 9.59 9.47
N ASP C 281 10.15 8.51 10.13
CA ASP C 281 9.06 8.57 11.10
C ASP C 281 9.38 7.81 12.40
N GLY C 282 10.59 7.28 12.52
CA GLY C 282 10.98 6.60 13.76
C GLY C 282 10.08 5.41 14.11
N GLY C 283 9.41 4.86 13.10
CA GLY C 283 8.55 3.70 13.27
C GLY C 283 7.12 4.06 13.65
N LEU C 284 6.76 5.35 13.76
CA LEU C 284 5.44 5.78 14.25
C LEU C 284 4.27 5.13 13.46
N SER C 285 4.40 5.09 12.12
CA SER C 285 3.31 4.56 11.29
C SER C 285 3.10 3.05 11.49
N LEU C 286 4.03 2.35 12.17
CA LEU C 286 3.92 0.91 12.41
C LEU C 286 3.10 0.61 13.66
N VAL C 287 2.79 1.64 14.47
CA VAL C 287 2.19 1.43 15.79
C VAL C 287 0.67 1.36 15.67
N HIS C 288 0.09 0.22 16.10
CA HIS C 288 -1.37 0.04 16.08
C HIS C 288 -2.04 0.90 17.13
N ALA C 289 -3.37 1.06 17.00
CA ALA C 289 -4.17 1.84 17.93
C ALA C 289 -4.06 1.23 19.33
N GLU D 23 37.86 1.69 17.07
CA GLU D 23 37.69 0.39 16.38
C GLU D 23 36.65 0.57 15.28
N ALA D 24 36.88 -0.13 14.15
CA ALA D 24 35.96 -0.08 13.03
C ALA D 24 34.71 -0.94 13.31
N PRO D 25 33.50 -0.48 12.90
CA PRO D 25 32.30 -1.32 13.06
C PRO D 25 32.36 -2.51 12.11
N ALA D 26 31.47 -3.50 12.31
CA ALA D 26 31.50 -4.70 11.49
C ALA D 26 30.13 -4.99 10.89
N ALA D 27 30.11 -5.54 9.66
CA ALA D 27 28.84 -5.86 9.01
C ALA D 27 28.85 -7.30 8.50
N VAL D 28 27.70 -7.99 8.62
CA VAL D 28 27.47 -9.26 7.94
C VAL D 28 26.67 -8.98 6.67
N VAL D 29 27.13 -9.45 5.53
CA VAL D 29 26.35 -9.37 4.31
C VAL D 29 26.12 -10.80 3.81
N THR D 30 24.86 -11.23 3.69
CA THR D 30 24.62 -12.58 3.18
C THR D 30 24.66 -12.60 1.66
N GLY D 31 25.03 -13.74 1.05
CA GLY D 31 25.14 -13.88 -0.40
C GLY D 31 26.03 -12.80 -1.02
N ALA D 32 27.17 -12.53 -0.36
CA ALA D 32 28.02 -11.40 -0.67
C ALA D 32 29.16 -11.77 -1.65
N ALA D 33 29.17 -13.00 -2.19
CA ALA D 33 30.31 -13.37 -3.03
C ALA D 33 30.23 -12.69 -4.40
N LYS D 34 29.01 -12.41 -4.88
CA LYS D 34 28.84 -11.91 -6.24
C LYS D 34 27.77 -10.82 -6.29
N ARG D 35 27.70 -10.15 -7.46
CA ARG D 35 26.56 -9.32 -7.84
C ARG D 35 26.30 -8.25 -6.78
N ILE D 36 25.04 -8.16 -6.31
CA ILE D 36 24.65 -7.03 -5.50
C ILE D 36 25.25 -7.15 -4.10
N GLY D 37 25.29 -8.37 -3.55
CA GLY D 37 25.83 -8.51 -2.20
C GLY D 37 27.32 -8.13 -2.15
N ARG D 38 28.05 -8.47 -3.20
CA ARG D 38 29.45 -8.07 -3.35
C ARG D 38 29.57 -6.54 -3.37
N ALA D 39 28.73 -5.86 -4.18
CA ALA D 39 28.79 -4.41 -4.27
C ALA D 39 28.52 -3.81 -2.89
N ILE D 40 27.61 -4.44 -2.13
CA ILE D 40 27.29 -3.96 -0.80
C ILE D 40 28.49 -4.15 0.14
N ALA D 41 29.07 -5.36 0.15
CA ALA D 41 30.25 -5.58 1.00
C ALA D 41 31.38 -4.60 0.63
N VAL D 42 31.66 -4.41 -0.68
CA VAL D 42 32.69 -3.47 -1.13
C VAL D 42 32.41 -2.06 -0.58
N LYS D 43 31.17 -1.57 -0.74
CA LYS D 43 30.91 -0.20 -0.37
C LYS D 43 30.96 -0.03 1.14
N LEU D 44 30.44 -1.02 1.89
CA LEU D 44 30.52 -0.97 3.36
C LEU D 44 31.99 -0.91 3.79
N HIS D 45 32.80 -1.72 3.13
CA HIS D 45 34.23 -1.78 3.39
C HIS D 45 34.90 -0.44 3.07
N GLN D 46 34.59 0.14 1.89
CA GLN D 46 35.10 1.45 1.50
C GLN D 46 34.65 2.51 2.50
N THR D 47 33.60 2.22 3.28
CA THR D 47 33.06 3.21 4.20
C THR D 47 33.72 3.05 5.56
N GLY D 48 34.51 1.99 5.73
CA GLY D 48 35.21 1.82 6.99
C GLY D 48 34.79 0.56 7.76
N TYR D 49 33.87 -0.23 7.19
CA TYR D 49 33.38 -1.41 7.90
C TYR D 49 34.31 -2.59 7.65
N ARG D 50 34.46 -3.41 8.69
CA ARG D 50 34.96 -4.78 8.53
C ARG D 50 33.78 -5.68 8.17
N VAL D 51 34.00 -6.70 7.32
CA VAL D 51 32.86 -7.41 6.73
C VAL D 51 33.01 -8.91 6.84
N VAL D 52 31.87 -9.57 7.06
CA VAL D 52 31.71 -11.00 6.90
C VAL D 52 30.97 -11.22 5.60
N ILE D 53 31.66 -11.92 4.70
CA ILE D 53 31.19 -12.23 3.38
C ILE D 53 30.60 -13.63 3.49
N HIS D 54 29.27 -13.71 3.68
CA HIS D 54 28.61 -15.01 3.69
C HIS D 54 28.45 -15.50 2.26
N TYR D 55 28.53 -16.82 2.08
CA TYR D 55 28.28 -17.38 0.76
C TYR D 55 27.77 -18.82 0.96
N HIS D 56 27.25 -19.39 -0.12
CA HIS D 56 26.72 -20.75 -0.07
C HIS D 56 27.59 -21.64 -0.96
N ASN D 57 27.50 -21.42 -2.27
CA ASN D 57 28.26 -22.21 -3.24
C ASN D 57 29.47 -21.45 -3.78
N SER D 58 29.47 -20.11 -3.71
CA SER D 58 30.51 -19.39 -4.45
C SER D 58 31.76 -19.18 -3.59
N ALA D 59 32.44 -20.28 -3.21
CA ALA D 59 33.59 -20.25 -2.31
C ALA D 59 34.75 -19.48 -2.92
N GLU D 60 35.05 -19.73 -4.20
CA GLU D 60 36.19 -19.08 -4.86
C GLU D 60 35.96 -17.57 -4.92
N ALA D 61 34.74 -17.17 -5.33
CA ALA D 61 34.43 -15.76 -5.48
C ALA D 61 34.44 -15.10 -4.09
N ALA D 62 34.03 -15.85 -3.07
CA ALA D 62 34.01 -15.24 -1.74
C ALA D 62 35.44 -14.98 -1.24
N VAL D 63 36.30 -15.98 -1.39
CA VAL D 63 37.67 -15.86 -0.91
C VAL D 63 38.40 -14.77 -1.71
N SER D 64 38.18 -14.74 -3.02
CA SER D 64 38.76 -13.72 -3.87
C SER D 64 38.40 -12.33 -3.34
N LEU D 65 37.13 -12.18 -2.92
CA LEU D 65 36.67 -10.87 -2.48
C LEU D 65 37.33 -10.52 -1.16
N ALA D 66 37.37 -11.49 -0.24
CA ALA D 66 38.01 -11.26 1.05
C ALA D 66 39.47 -10.80 0.84
N ASP D 67 40.15 -11.44 -0.12
CA ASP D 67 41.55 -11.16 -0.42
C ASP D 67 41.72 -9.73 -0.91
N GLU D 68 40.83 -9.28 -1.80
CA GLU D 68 40.86 -7.91 -2.27
C GLU D 68 40.69 -6.92 -1.13
N LEU D 69 39.72 -7.16 -0.24
CA LEU D 69 39.47 -6.25 0.87
C LEU D 69 40.61 -6.26 1.89
N ASN D 70 41.14 -7.43 2.22
CA ASN D 70 42.22 -7.49 3.21
C ASN D 70 43.52 -6.90 2.66
N LYS D 71 43.73 -6.98 1.33
CA LYS D 71 44.87 -6.36 0.68
CA LYS D 71 44.86 -6.36 0.67
C LYS D 71 44.77 -4.85 0.86
N GLU D 72 43.54 -4.32 0.84
CA GLU D 72 43.33 -2.89 0.98
C GLU D 72 43.51 -2.51 2.45
N ARG D 73 42.98 -3.33 3.35
CA ARG D 73 43.10 -3.06 4.77
C ARG D 73 43.17 -4.41 5.48
N SER D 74 44.35 -4.79 6.00
CA SER D 74 44.49 -6.16 6.49
C SER D 74 43.54 -6.43 7.65
N ASN D 75 43.11 -7.71 7.76
CA ASN D 75 42.29 -8.18 8.87
C ASN D 75 40.92 -7.50 8.95
N THR D 76 40.34 -7.19 7.77
CA THR D 76 39.07 -6.49 7.74
C THR D 76 37.96 -7.33 7.05
N ALA D 77 38.31 -8.50 6.51
CA ALA D 77 37.31 -9.33 5.84
C ALA D 77 37.51 -10.83 6.13
N VAL D 78 36.39 -11.53 6.34
CA VAL D 78 36.38 -12.98 6.52
C VAL D 78 35.23 -13.52 5.69
N VAL D 79 35.32 -14.80 5.29
CA VAL D 79 34.19 -15.50 4.67
C VAL D 79 33.49 -16.39 5.70
N CYS D 80 32.23 -16.77 5.42
CA CYS D 80 31.51 -17.71 6.29
C CYS D 80 30.48 -18.44 5.44
N GLN D 81 30.62 -19.77 5.35
CA GLN D 81 29.78 -20.56 4.45
C GLN D 81 28.51 -21.01 5.17
N ALA D 82 27.36 -20.95 4.50
CA ALA D 82 26.13 -21.44 5.11
C ALA D 82 25.02 -21.58 4.08
N ASP D 83 24.33 -22.72 4.15
CA ASP D 83 23.08 -23.00 3.46
C ASP D 83 21.94 -22.30 4.22
N LEU D 84 21.17 -21.49 3.49
CA LEU D 84 20.09 -20.73 4.12
C LEU D 84 18.70 -21.31 3.79
N THR D 85 18.66 -22.48 3.15
CA THR D 85 17.46 -23.33 3.04
C THR D 85 16.82 -23.57 4.40
N ASN D 86 15.47 -23.53 4.45
CA ASN D 86 14.78 -23.81 5.69
C ASN D 86 15.00 -25.28 6.10
N SER D 87 15.19 -25.50 7.40
CA SER D 87 15.29 -26.83 8.00
C SER D 87 15.32 -26.64 9.51
N ASN D 88 15.32 -27.74 10.25
CA ASN D 88 15.39 -27.64 11.72
C ASN D 88 16.76 -27.17 12.23
N VAL D 89 17.79 -27.11 11.36
CA VAL D 89 19.08 -26.62 11.81
C VAL D 89 19.36 -25.22 11.26
N LEU D 90 18.38 -24.62 10.56
CA LEU D 90 18.62 -23.27 10.03
C LEU D 90 18.87 -22.28 11.17
N PRO D 91 18.16 -22.35 12.32
CA PRO D 91 18.49 -21.45 13.44
C PRO D 91 19.95 -21.49 13.87
N ALA D 92 20.49 -22.72 13.99
CA ALA D 92 21.90 -22.87 14.35
C ALA D 92 22.81 -22.27 13.28
N SER D 93 22.50 -22.45 11.99
CA SER D 93 23.31 -21.86 10.95
C SER D 93 23.30 -20.33 10.99
N CYS D 94 22.12 -19.74 11.19
CA CYS D 94 22.01 -18.28 11.30
C CYS D 94 22.76 -17.81 12.54
N GLU D 95 22.62 -18.56 13.62
CA GLU D 95 23.32 -18.21 14.85
C GLU D 95 24.84 -18.22 14.60
N GLU D 96 25.31 -19.16 13.78
CA GLU D 96 26.74 -19.30 13.53
C GLU D 96 27.24 -18.14 12.66
N ILE D 97 26.46 -17.69 11.65
CA ILE D 97 26.85 -16.56 10.84
C ILE D 97 27.10 -15.35 11.75
N ILE D 98 26.16 -15.06 12.66
CA ILE D 98 26.32 -13.90 13.54
C ILE D 98 27.55 -14.12 14.45
N ASN D 99 27.70 -15.33 15.02
CA ASN D 99 28.86 -15.68 15.84
C ASN D 99 30.16 -15.51 15.07
N SER D 100 30.16 -15.80 13.76
CA SER D 100 31.41 -15.67 13.05
C SER D 100 31.84 -14.20 12.98
N CYS D 101 30.88 -13.26 13.02
CA CYS D 101 31.22 -11.83 12.99
C CYS D 101 31.85 -11.44 14.33
N PHE D 102 31.26 -11.91 15.44
CA PHE D 102 31.80 -11.66 16.76
C PHE D 102 33.19 -12.30 16.93
N ARG D 103 33.38 -13.49 16.36
CA ARG D 103 34.64 -14.22 16.49
C ARG D 103 35.75 -13.46 15.76
N ALA D 104 35.49 -12.97 14.54
CA ALA D 104 36.50 -12.25 13.78
C ALA D 104 36.70 -10.82 14.29
N PHE D 105 35.63 -10.12 14.72
CA PHE D 105 35.71 -8.67 14.80
C PHE D 105 35.36 -8.17 16.18
N GLY D 106 34.80 -9.04 17.02
CA GLY D 106 34.47 -8.59 18.38
C GLY D 106 33.14 -7.83 18.49
N ARG D 107 32.43 -7.68 17.37
CA ARG D 107 31.19 -6.91 17.39
C ARG D 107 30.45 -7.19 16.08
N CYS D 108 29.17 -6.80 16.06
CA CYS D 108 28.35 -6.89 14.87
C CYS D 108 27.36 -5.73 14.85
N ASP D 109 27.61 -4.75 13.97
CA ASP D 109 26.88 -3.49 13.95
C ASP D 109 25.79 -3.48 12.88
N VAL D 110 26.05 -4.12 11.73
CA VAL D 110 25.13 -4.13 10.60
C VAL D 110 24.93 -5.56 10.06
N LEU D 111 23.67 -5.88 9.78
CA LEU D 111 23.29 -7.11 9.08
C LEU D 111 22.56 -6.73 7.81
N VAL D 112 23.03 -7.23 6.66
CA VAL D 112 22.39 -7.03 5.37
C VAL D 112 21.87 -8.38 4.90
N ASN D 113 20.54 -8.55 4.88
CA ASN D 113 19.91 -9.78 4.39
C ASN D 113 19.74 -9.70 2.88
N ASN D 114 20.71 -10.23 2.14
CA ASN D 114 20.81 -10.08 0.69
C ASN D 114 20.60 -11.42 -0.02
N ALA D 115 21.07 -12.55 0.56
CA ALA D 115 20.99 -13.85 -0.10
C ALA D 115 19.55 -14.17 -0.50
N SER D 116 19.39 -14.75 -1.68
CA SER D 116 18.05 -15.01 -2.18
C SER D 116 18.07 -16.11 -3.22
N ALA D 117 17.17 -17.09 -3.06
CA ALA D 117 16.87 -18.08 -4.08
C ALA D 117 15.75 -17.53 -4.95
N PHE D 118 15.80 -17.80 -6.28
CA PHE D 118 14.87 -17.22 -7.21
C PHE D 118 14.73 -18.18 -8.40
N TYR D 119 13.52 -18.71 -8.56
CA TYR D 119 13.20 -19.63 -9.65
C TYR D 119 11.70 -19.82 -9.63
N PRO D 120 11.10 -20.18 -10.78
CA PRO D 120 9.65 -20.36 -10.89
C PRO D 120 9.23 -21.62 -10.13
N THR D 121 8.03 -21.55 -9.53
CA THR D 121 7.38 -22.66 -8.86
C THR D 121 5.92 -22.66 -9.29
N PRO D 122 5.60 -23.11 -10.53
CA PRO D 122 4.23 -23.03 -11.03
C PRO D 122 3.23 -23.77 -10.14
N LEU D 123 2.02 -23.22 -10.03
CA LEU D 123 0.96 -23.84 -9.26
C LEU D 123 0.39 -25.06 -10.01
N VAL D 124 0.42 -25.01 -11.36
CA VAL D 124 -0.21 -26.06 -12.16
C VAL D 124 0.84 -26.76 -13.03
N GLY D 134 13.72 -29.66 -11.23
CA GLY D 134 13.59 -31.08 -10.83
C GLY D 134 13.47 -31.25 -9.32
N LYS D 135 13.26 -30.14 -8.59
CA LYS D 135 13.17 -30.17 -7.15
C LYS D 135 11.77 -30.59 -6.73
N THR D 136 11.64 -31.26 -5.56
CA THR D 136 10.33 -31.54 -5.01
C THR D 136 9.71 -30.24 -4.52
N VAL D 137 8.40 -30.28 -4.26
CA VAL D 137 7.72 -29.07 -3.76
C VAL D 137 8.28 -28.73 -2.38
N GLU D 138 8.61 -29.75 -1.59
CA GLU D 138 9.21 -29.56 -0.26
C GLU D 138 10.50 -28.75 -0.33
N THR D 139 11.33 -29.05 -1.33
CA THR D 139 12.62 -28.38 -1.52
C THR D 139 12.37 -26.93 -1.95
N GLN D 140 11.44 -26.74 -2.91
CA GLN D 140 11.06 -25.44 -3.43
C GLN D 140 10.66 -24.50 -2.29
N VAL D 141 9.80 -25.01 -1.41
CA VAL D 141 9.35 -24.28 -0.23
C VAL D 141 10.54 -23.92 0.67
N ALA D 142 11.28 -24.95 1.09
CA ALA D 142 12.43 -24.79 1.97
C ALA D 142 13.42 -23.74 1.42
N GLU D 143 13.76 -23.80 0.13
CA GLU D 143 14.74 -22.89 -0.43
C GLU D 143 14.20 -21.46 -0.59
N LEU D 144 13.02 -21.32 -1.23
CA LEU D 144 12.48 -19.99 -1.51
C LEU D 144 12.00 -19.31 -0.22
N ILE D 145 11.32 -20.02 0.67
CA ILE D 145 10.85 -19.39 1.91
C ILE D 145 12.02 -19.26 2.91
N GLY D 146 12.92 -20.24 2.95
CA GLY D 146 14.02 -20.14 3.90
C GLY D 146 14.98 -18.98 3.58
N THR D 147 15.43 -18.89 2.31
CA THR D 147 16.42 -17.87 1.96
C THR D 147 15.81 -16.47 2.03
N ASN D 148 14.55 -16.35 1.57
CA ASN D 148 14.02 -15.01 1.37
C ASN D 148 13.40 -14.51 2.65
N ALA D 149 13.07 -15.41 3.60
CA ALA D 149 12.27 -14.95 4.72
C ALA D 149 12.75 -15.52 6.06
N ILE D 150 12.79 -16.84 6.17
CA ILE D 150 13.01 -17.42 7.50
C ILE D 150 14.47 -17.18 7.94
N ALA D 151 15.41 -17.34 7.01
CA ALA D 151 16.78 -17.02 7.37
C ALA D 151 16.94 -15.55 7.80
N PRO D 152 16.40 -14.55 7.06
CA PRO D 152 16.37 -13.18 7.59
C PRO D 152 15.81 -13.03 8.99
N PHE D 153 14.73 -13.76 9.31
CA PHE D 153 14.18 -13.66 10.65
C PHE D 153 15.18 -14.21 11.68
N LEU D 154 15.78 -15.38 11.38
CA LEU D 154 16.67 -16.05 12.33
C LEU D 154 17.96 -15.25 12.48
N LEU D 155 18.46 -14.68 11.39
CA LEU D 155 19.61 -13.79 11.49
C LEU D 155 19.32 -12.54 12.33
N THR D 156 18.09 -12.03 12.18
CA THR D 156 17.62 -10.87 12.92
C THR D 156 17.59 -11.22 14.41
N MET D 157 17.01 -12.38 14.74
CA MET D 157 16.92 -12.84 16.11
C MET D 157 18.32 -12.97 16.75
N SER D 158 19.25 -13.63 16.05
CA SER D 158 20.61 -13.82 16.57
C SER D 158 21.36 -12.49 16.64
N PHE D 159 21.22 -11.65 15.60
CA PHE D 159 21.76 -10.30 15.61
C PHE D 159 21.35 -9.55 16.89
N ALA D 160 20.07 -9.55 17.21
CA ALA D 160 19.54 -8.77 18.33
C ALA D 160 19.92 -9.38 19.68
N GLN D 161 19.95 -10.72 19.75
CA GLN D 161 20.24 -11.42 21.00
C GLN D 161 21.70 -11.16 21.42
N ARG D 162 22.61 -11.10 20.44
CA ARG D 162 24.01 -10.83 20.74
C ARG D 162 24.26 -9.37 21.09
N GLN D 163 23.26 -8.48 20.98
CA GLN D 163 23.52 -7.06 21.22
C GLN D 163 23.37 -6.76 22.73
N SER D 173 25.93 1.34 19.34
CA SER D 173 25.89 2.72 18.79
C SER D 173 24.86 2.81 17.65
N ASN D 174 25.30 2.70 16.39
CA ASN D 174 24.43 2.82 15.21
C ASN D 174 24.18 1.44 14.60
N LEU D 175 23.33 0.66 15.29
CA LEU D 175 23.03 -0.70 14.86
C LEU D 175 21.90 -0.66 13.84
N SER D 176 22.04 -1.37 12.71
CA SER D 176 20.87 -1.50 11.86
C SER D 176 20.93 -2.77 11.01
N ILE D 177 19.75 -3.11 10.46
CA ILE D 177 19.57 -4.23 9.56
C ILE D 177 18.96 -3.69 8.28
N VAL D 178 19.44 -4.21 7.13
CA VAL D 178 18.86 -3.80 5.85
C VAL D 178 18.48 -5.07 5.10
N ASN D 179 17.19 -5.19 4.72
CA ASN D 179 16.65 -6.35 4.02
C ASN D 179 16.53 -6.05 2.53
N LEU D 180 17.06 -6.94 1.68
CA LEU D 180 16.88 -6.73 0.25
C LEU D 180 15.53 -7.30 -0.17
N CYS D 181 14.60 -6.39 -0.52
CA CYS D 181 13.20 -6.69 -0.82
C CYS D 181 13.07 -6.72 -2.34
N ASP D 182 11.89 -6.36 -2.86
CA ASP D 182 11.71 -6.42 -4.29
C ASP D 182 10.60 -5.43 -4.67
N ALA D 183 10.92 -4.45 -5.53
CA ALA D 183 9.99 -3.41 -5.90
C ALA D 183 8.72 -3.93 -6.58
N MET D 184 8.77 -5.15 -7.14
CA MET D 184 7.71 -5.60 -8.04
C MET D 184 6.81 -6.64 -7.37
N VAL D 185 6.83 -6.67 -6.05
CA VAL D 185 6.19 -7.78 -5.35
C VAL D 185 4.67 -7.68 -5.41
N ASP D 186 4.14 -6.53 -5.86
CA ASP D 186 2.69 -6.39 -5.99
C ASP D 186 2.29 -6.51 -7.45
N GLN D 187 3.27 -6.67 -8.33
CA GLN D 187 2.98 -6.95 -9.73
C GLN D 187 3.88 -8.11 -10.13
N PRO D 188 3.70 -9.32 -9.56
CA PRO D 188 4.76 -10.33 -9.63
C PRO D 188 4.85 -11.04 -10.98
N CSX D 189 6.04 -11.60 -11.22
CA CSX D 189 6.27 -12.54 -12.31
CB CSX D 189 7.72 -13.04 -12.27
SG CSX D 189 8.72 -11.66 -12.89
C CSX D 189 5.30 -13.72 -12.20
O CSX D 189 5.06 -14.24 -11.12
OD CSX D 189 8.50 -11.63 -14.35
N MET D 190 4.74 -14.11 -13.34
CA MET D 190 3.87 -15.27 -13.48
C MET D 190 4.63 -16.52 -13.01
N ALA D 191 4.01 -17.34 -12.14
CA ALA D 191 4.54 -18.62 -11.69
C ALA D 191 5.65 -18.49 -10.65
N PHE D 192 5.78 -17.31 -10.02
CA PHE D 192 6.79 -17.13 -9.00
C PHE D 192 6.15 -17.01 -7.63
N SER D 193 5.14 -17.85 -7.33
CA SER D 193 4.38 -17.58 -6.11
C SER D 193 5.24 -17.77 -4.86
N LEU D 194 6.10 -18.79 -4.81
CA LEU D 194 6.87 -19.00 -3.57
C LEU D 194 7.87 -17.87 -3.34
N TYR D 195 8.58 -17.48 -4.39
CA TYR D 195 9.49 -16.35 -4.31
C TYR D 195 8.73 -15.11 -3.80
N ASN D 196 7.56 -14.84 -4.39
CA ASN D 196 6.76 -13.65 -4.02
CA ASN D 196 6.81 -13.64 -4.01
C ASN D 196 6.34 -13.73 -2.56
N MET D 197 5.91 -14.94 -2.15
CA MET D 197 5.56 -15.16 -0.74
C MET D 197 6.73 -14.82 0.17
N GLY D 198 7.95 -15.27 -0.18
CA GLY D 198 9.09 -14.99 0.67
C GLY D 198 9.40 -13.49 0.75
N LYS D 199 9.38 -12.79 -0.39
CA LYS D 199 9.65 -11.36 -0.38
C LYS D 199 8.54 -10.59 0.36
N HIS D 200 7.28 -11.05 0.26
CA HIS D 200 6.27 -10.33 1.02
C HIS D 200 6.50 -10.59 2.50
N ALA D 201 6.87 -11.83 2.83
CA ALA D 201 7.16 -12.12 4.24
C ALA D 201 8.28 -11.21 4.75
N LEU D 202 9.25 -10.92 3.89
CA LEU D 202 10.40 -10.09 4.27
C LEU D 202 9.96 -8.66 4.57
N VAL D 203 8.95 -8.16 3.84
CA VAL D 203 8.36 -6.87 4.16
C VAL D 203 7.79 -6.93 5.58
N GLY D 204 7.05 -8.00 5.89
CA GLY D 204 6.45 -8.10 7.21
C GLY D 204 7.48 -8.17 8.33
N LEU D 205 8.55 -8.92 8.11
CA LEU D 205 9.68 -8.95 9.04
C LEU D 205 10.29 -7.55 9.24
N THR D 206 10.52 -6.81 8.14
CA THR D 206 11.11 -5.48 8.19
C THR D 206 10.29 -4.61 9.13
N GLN D 207 8.95 -4.67 8.97
CA GLN D 207 8.08 -3.85 9.79
C GLN D 207 8.08 -4.37 11.24
N SER D 208 7.78 -5.67 11.43
CA SER D 208 7.69 -6.23 12.79
C SER D 208 9.00 -6.04 13.56
N ALA D 209 10.15 -6.28 12.90
CA ALA D 209 11.41 -6.14 13.63
C ALA D 209 11.76 -4.68 13.90
N ALA D 210 11.40 -3.79 12.96
CA ALA D 210 11.60 -2.36 13.24
C ALA D 210 10.85 -2.00 14.52
N LEU D 211 9.58 -2.40 14.62
CA LEU D 211 8.79 -2.02 15.79
C LEU D 211 9.42 -2.55 17.08
N GLU D 212 9.78 -3.85 17.07
CA GLU D 212 10.19 -4.55 18.29
C GLU D 212 11.60 -4.18 18.70
N LEU D 213 12.48 -3.89 17.73
CA LEU D 213 13.88 -3.62 18.04
C LEU D 213 14.18 -2.13 18.24
N ALA D 214 13.20 -1.27 17.94
CA ALA D 214 13.37 0.16 18.11
C ALA D 214 13.78 0.48 19.54
N PRO D 215 13.15 -0.10 20.58
CA PRO D 215 13.51 0.22 21.97
C PRO D 215 14.96 -0.10 22.29
N TYR D 216 15.59 -0.95 21.48
CA TYR D 216 16.97 -1.34 21.69
C TYR D 216 17.90 -0.49 20.83
N GLY D 217 17.35 0.47 20.09
CA GLY D 217 18.17 1.30 19.22
C GLY D 217 18.62 0.60 17.92
N ILE D 218 18.01 -0.53 17.53
CA ILE D 218 18.37 -1.17 16.26
C ILE D 218 17.32 -0.76 15.23
N ARG D 219 17.78 -0.21 14.10
CA ARG D 219 16.84 0.20 13.06
C ARG D 219 16.76 -0.97 12.07
N VAL D 220 15.61 -1.09 11.41
CA VAL D 220 15.39 -2.14 10.43
C VAL D 220 14.71 -1.53 9.21
N ASN D 221 15.30 -1.74 8.02
CA ASN D 221 14.79 -1.05 6.87
C ASN D 221 15.04 -1.95 5.68
N GLY D 222 14.49 -1.56 4.52
CA GLY D 222 14.60 -2.37 3.30
C GLY D 222 15.04 -1.52 2.11
N VAL D 223 15.63 -2.21 1.10
CA VAL D 223 15.95 -1.66 -0.20
C VAL D 223 15.32 -2.61 -1.20
N ALA D 224 14.50 -2.06 -2.13
CA ALA D 224 13.70 -2.86 -3.05
C ALA D 224 14.13 -2.57 -4.48
N PRO D 225 15.05 -3.38 -5.08
CA PRO D 225 15.43 -3.21 -6.48
C PRO D 225 14.24 -3.53 -7.38
N GLY D 226 14.27 -2.95 -8.58
CA GLY D 226 13.36 -3.37 -9.63
C GLY D 226 14.10 -4.39 -10.48
N VAL D 227 14.69 -3.95 -11.59
CA VAL D 227 15.62 -4.83 -12.28
CA VAL D 227 15.61 -4.84 -12.27
C VAL D 227 17.01 -4.25 -12.11
N SER D 228 17.90 -5.06 -11.53
CA SER D 228 19.30 -4.73 -11.41
C SER D 228 20.03 -5.76 -12.25
N LEU D 229 21.21 -6.17 -11.81
CA LEU D 229 22.03 -7.06 -12.63
C LEU D 229 21.13 -8.20 -13.08
N LEU D 230 21.02 -8.36 -14.41
CA LEU D 230 20.14 -9.38 -14.96
C LEU D 230 20.82 -10.76 -14.85
N PRO D 231 20.05 -11.88 -14.75
CA PRO D 231 20.62 -13.21 -14.50
C PRO D 231 21.75 -13.66 -15.41
N VAL D 232 22.57 -14.59 -14.88
CA VAL D 232 23.75 -15.13 -15.55
C VAL D 232 23.34 -15.69 -16.92
N ALA D 233 22.27 -16.50 -16.95
CA ALA D 233 21.74 -17.12 -18.14
C ALA D 233 20.48 -16.39 -18.61
N MET D 234 20.69 -15.30 -19.35
CA MET D 234 19.65 -14.56 -20.05
C MET D 234 20.25 -13.96 -21.32
N GLY D 235 19.55 -14.20 -22.44
CA GLY D 235 19.99 -13.75 -23.76
C GLY D 235 19.91 -12.23 -23.87
N GLU D 236 20.59 -11.69 -24.89
CA GLU D 236 20.66 -10.25 -25.16
C GLU D 236 19.25 -9.72 -25.42
N GLU D 237 18.45 -10.47 -26.21
CA GLU D 237 17.08 -10.12 -26.58
C GLU D 237 16.26 -9.88 -25.31
N GLU D 238 16.33 -10.84 -24.37
CA GLU D 238 15.54 -10.82 -23.15
C GLU D 238 16.04 -9.75 -22.17
N LYS D 239 17.35 -9.47 -22.18
CA LYS D 239 17.89 -8.41 -21.33
C LYS D 239 17.31 -7.08 -21.80
N ASP D 240 17.44 -6.81 -23.10
CA ASP D 240 16.80 -5.58 -23.66
CA ASP D 240 16.79 -5.59 -23.67
C ASP D 240 15.25 -5.41 -23.45
N LYS D 241 14.61 -6.57 -23.42
CA LYS D 241 13.16 -6.56 -23.15
C LYS D 241 12.88 -5.90 -21.79
N TRP D 242 13.62 -6.30 -20.73
CA TRP D 242 13.44 -5.74 -19.40
C TRP D 242 13.95 -4.30 -19.32
N ARG D 243 15.12 -4.05 -19.90
CA ARG D 243 15.71 -2.72 -19.89
C ARG D 243 14.71 -1.71 -20.44
N ARG D 244 14.03 -2.09 -21.52
CA ARG D 244 13.10 -1.24 -22.25
C ARG D 244 11.91 -0.80 -21.40
N LYS D 245 11.63 -1.52 -20.32
CA LYS D 245 10.46 -1.21 -19.50
C LYS D 245 10.77 -0.10 -18.46
N VAL D 246 12.05 0.23 -18.26
CA VAL D 246 12.42 1.11 -17.15
C VAL D 246 12.31 2.57 -17.57
N PRO D 247 11.41 3.38 -16.96
CA PRO D 247 11.21 4.79 -17.36
C PRO D 247 12.51 5.61 -17.30
N LEU D 248 13.26 5.44 -16.21
CA LEU D 248 14.44 6.24 -15.91
C LEU D 248 15.63 5.60 -16.62
N GLY D 249 15.78 5.91 -17.90
CA GLY D 249 17.00 5.62 -18.64
C GLY D 249 16.96 4.31 -19.42
N ARG D 250 15.83 3.58 -19.37
CA ARG D 250 15.67 2.29 -20.05
C ARG D 250 16.86 1.38 -19.81
N ARG D 251 17.29 1.28 -18.55
CA ARG D 251 18.39 0.39 -18.22
C ARG D 251 18.16 -0.11 -16.80
N GLU D 252 18.79 -1.24 -16.47
CA GLU D 252 18.72 -1.81 -15.12
C GLU D 252 19.61 -1.02 -14.15
N ALA D 253 19.37 -1.15 -12.83
CA ALA D 253 20.27 -0.54 -11.85
C ALA D 253 21.62 -1.26 -11.90
N SER D 254 22.70 -0.53 -11.63
CA SER D 254 23.98 -1.13 -11.31
C SER D 254 23.91 -1.70 -9.89
N ALA D 255 24.75 -2.69 -9.61
CA ALA D 255 24.83 -3.17 -8.25
C ALA D 255 25.19 -2.02 -7.29
N GLU D 256 26.04 -1.09 -7.75
CA GLU D 256 26.54 0.00 -6.92
C GLU D 256 25.40 0.95 -6.55
N GLN D 257 24.48 1.15 -7.50
CA GLN D 257 23.31 1.99 -7.25
C GLN D 257 22.45 1.41 -6.12
N ILE D 258 22.29 0.08 -6.13
CA ILE D 258 21.58 -0.62 -5.05
C ILE D 258 22.33 -0.41 -3.74
N ALA D 259 23.65 -0.62 -3.81
CA ALA D 259 24.51 -0.50 -2.64
C ALA D 259 24.43 0.89 -2.03
N ASP D 260 24.35 1.93 -2.88
CA ASP D 260 24.27 3.32 -2.44
C ASP D 260 23.11 3.50 -1.45
N ALA D 261 21.97 2.83 -1.74
CA ALA D 261 20.80 2.99 -0.87
C ALA D 261 21.02 2.26 0.47
N VAL D 262 21.68 1.10 0.44
CA VAL D 262 22.05 0.40 1.67
C VAL D 262 22.94 1.28 2.56
N ILE D 263 23.97 1.89 1.93
CA ILE D 263 24.91 2.77 2.61
C ILE D 263 24.19 3.92 3.31
N PHE D 264 23.24 4.54 2.56
CA PHE D 264 22.41 5.59 3.14
C PHE D 264 21.75 5.07 4.43
N LEU D 265 21.01 3.95 4.33
CA LEU D 265 20.22 3.45 5.46
C LEU D 265 21.06 3.05 6.67
N VAL D 266 22.31 2.63 6.45
CA VAL D 266 23.09 2.29 7.65
C VAL D 266 23.79 3.52 8.22
N SER D 267 23.84 4.63 7.45
CA SER D 267 24.62 5.84 7.77
C SER D 267 23.96 6.63 8.91
N GLY D 268 24.70 7.63 9.44
CA GLY D 268 24.18 8.59 10.40
C GLY D 268 23.16 9.57 9.81
N SER D 269 22.98 9.57 8.48
CA SER D 269 21.98 10.43 7.85
C SER D 269 20.59 9.78 7.86
N ALA D 270 20.52 8.53 8.35
CA ALA D 270 19.27 7.77 8.41
C ALA D 270 18.84 7.42 9.84
N GLN D 271 19.25 8.20 10.84
CA GLN D 271 19.17 7.75 12.23
C GLN D 271 17.74 7.75 12.79
N TYR D 272 16.80 8.41 12.09
CA TYR D 272 15.42 8.34 12.52
C TYR D 272 14.63 7.41 11.58
N ILE D 273 15.31 6.79 10.62
CA ILE D 273 14.59 5.96 9.65
C ILE D 273 14.54 4.52 10.15
N THR D 274 13.33 4.01 10.38
CA THR D 274 13.19 2.57 10.64
C THR D 274 11.83 2.10 10.13
N GLY D 275 11.78 0.87 9.59
CA GLY D 275 10.54 0.35 9.05
C GLY D 275 10.27 0.85 7.63
N SER D 276 11.27 1.50 7.01
CA SER D 276 11.08 2.08 5.69
C SER D 276 11.68 1.12 4.67
N ILE D 277 11.07 1.04 3.48
CA ILE D 277 11.60 0.30 2.35
C ILE D 277 11.77 1.28 1.20
N ILE D 278 13.03 1.46 0.75
CA ILE D 278 13.32 2.41 -0.31
C ILE D 278 13.35 1.64 -1.62
N LYS D 279 12.45 1.96 -2.57
CA LYS D 279 12.52 1.37 -3.90
C LYS D 279 13.67 2.03 -4.66
N VAL D 280 14.43 1.21 -5.39
CA VAL D 280 15.51 1.65 -6.24
C VAL D 280 15.28 0.99 -7.60
N ASP D 281 14.34 1.53 -8.38
CA ASP D 281 13.75 0.79 -9.49
C ASP D 281 13.55 1.63 -10.75
N GLY D 282 14.05 2.88 -10.74
CA GLY D 282 13.99 3.72 -11.93
C GLY D 282 12.56 3.90 -12.44
N GLY D 283 11.59 3.75 -11.51
CA GLY D 283 10.19 3.94 -11.85
C GLY D 283 9.48 2.70 -12.41
N LEU D 284 10.17 1.56 -12.45
CA LEU D 284 9.64 0.33 -13.05
C LEU D 284 8.27 -0.03 -12.47
N SER D 285 8.12 0.06 -11.14
CA SER D 285 6.91 -0.40 -10.49
C SER D 285 5.72 0.51 -10.81
N LEU D 286 5.98 1.68 -11.43
CA LEU D 286 4.93 2.67 -11.76
C LEU D 286 4.26 2.38 -13.11
N VAL D 287 4.87 1.46 -13.88
CA VAL D 287 4.49 1.19 -15.26
C VAL D 287 3.32 0.19 -15.31
N HIS D 288 2.18 0.59 -15.91
CA HIS D 288 1.04 -0.31 -16.03
C HIS D 288 1.26 -1.30 -17.17
N ALA D 289 0.46 -2.36 -17.20
CA ALA D 289 0.59 -3.43 -18.19
C ALA D 289 0.48 -2.85 -19.61
PA NDP E . -17.63 8.62 -17.22
O1A NDP E . -18.65 8.09 -18.17
O2A NDP E . -16.31 8.98 -17.77
O5B NDP E . -18.24 9.85 -16.38
C5B NDP E . -19.42 9.74 -15.55
C4B NDP E . -20.14 11.07 -15.54
O4B NDP E . -19.31 12.07 -14.93
C3B NDP E . -20.42 11.74 -16.90
O3B NDP E . -21.53 11.17 -17.57
C2B NDP E . -20.66 13.20 -16.51
O2B NDP E . -22.05 13.59 -16.40
C1B NDP E . -19.99 13.28 -15.13
N9A NDP E . -19.11 14.44 -15.07
C8A NDP E . -17.99 14.70 -15.83
N7A NDP E . -17.55 15.92 -15.67
C5A NDP E . -18.44 16.51 -14.77
C6A NDP E . -18.55 17.81 -14.22
N6A NDP E . -17.68 18.78 -14.46
N1A NDP E . -19.59 18.06 -13.39
C2A NDP E . -20.47 17.07 -13.12
N3A NDP E . -20.48 15.83 -13.59
C4A NDP E . -19.44 15.61 -14.43
O3 NDP E . -17.42 7.55 -16.05
PN NDP E . -17.51 5.94 -16.08
O1N NDP E . -16.69 5.41 -17.21
O2N NDP E . -18.97 5.57 -16.09
O5D NDP E . -16.82 5.54 -14.68
C5D NDP E . -17.56 5.66 -13.45
C4D NDP E . -16.59 5.87 -12.31
O4D NDP E . -15.65 4.77 -12.30
C3D NDP E . -15.74 7.15 -12.42
O3D NDP E . -15.63 7.83 -11.18
C2D NDP E . -14.41 6.63 -12.98
O2D NDP E . -13.29 7.47 -12.71
C1D NDP E . -14.34 5.25 -12.31
N1N NDP E . -13.52 4.35 -13.15
C2N NDP E . -14.00 3.92 -14.37
C3N NDP E . -13.25 3.14 -15.19
C7N NDP E . -13.80 2.67 -16.49
O7N NDP E . -13.12 1.87 -17.14
N7N NDP E . -14.97 3.11 -16.94
C4N NDP E . -11.86 2.85 -14.80
C5N NDP E . -11.45 3.34 -13.50
C6N NDP E . -12.26 3.98 -12.71
P2B NDP E . -22.82 14.10 -17.75
O1X NDP E . -24.24 14.32 -17.21
O2X NDP E . -22.18 15.40 -18.16
O3X NDP E . -22.74 13.04 -18.80
CAC A1H0S F . -9.59 3.84 -18.60
CAE A1H0S F . -10.27 5.24 -16.35
CAG A1H0S F . -11.77 6.79 -15.98
CAJ A1H0S F . -13.59 8.31 -16.16
CAO A1H0S F . -9.29 3.13 -19.78
CAP A1H0S F . -10.70 4.68 -18.56
CAD A1H0S F . -11.03 5.40 -17.47
NAF A1H0S F . -12.07 6.23 -17.19
CAL A1H0S F . -13.05 6.81 -18.20
CAM A1H0S F . -12.48 7.48 -19.47
CAN A1H0S F . -13.92 5.69 -18.81
NAQ A1H0S F . -13.86 7.83 -17.47
NAK A1H0S F . -14.31 9.29 -15.63
NAI A1H0S F . -12.53 7.77 -15.40
NAH A1H0S F . -10.80 6.07 -15.43
CAA A1H0S F . -9.17 4.45 -16.30
CAB A1H0S F . -8.81 3.73 -17.45
CAR A1H0S F . -7.69 2.88 -17.42
C ACT G . -26.19 3.96 -20.69
O ACT G . -26.43 2.95 -20.01
OXT ACT G . -25.04 4.41 -20.86
CH3 ACT G . -27.38 4.69 -21.38
C ACT H . -11.01 27.02 -4.32
O ACT H . -12.08 26.97 -3.69
OXT ACT H . -10.26 26.03 -4.43
CH3 ACT H . -10.62 28.31 -5.02
PA NDP I . -8.45 -19.07 15.46
O1A NDP I . -9.71 -19.44 16.13
O2A NDP I . -7.33 -18.47 16.23
O5B NDP I . -7.87 -20.31 14.61
C5B NDP I . -8.64 -20.94 13.54
C4B NDP I . -8.40 -22.43 13.54
O4B NDP I . -7.07 -22.68 13.03
C3B NDP I . -8.36 -23.13 14.91
O3B NDP I . -9.65 -23.52 15.35
C2B NDP I . -7.45 -24.34 14.67
O2B NDP I . -8.18 -25.59 14.52
C1B NDP I . -6.77 -24.01 13.34
N9A NDP I . -5.33 -24.28 13.45
C8A NDP I . -4.45 -23.72 14.34
N7A NDP I . -3.25 -24.26 14.29
C5A NDP I . -3.38 -25.29 13.37
C6A NDP I . -2.47 -26.26 12.89
N6A NDP I . -1.20 -26.35 13.28
N1A NDP I . -2.92 -27.16 11.98
C2A NDP I . -4.19 -27.04 11.55
N3A NDP I . -5.14 -26.17 11.91
C4A NDP I . -4.67 -25.33 12.85
O3 NDP I . -8.93 -18.09 14.25
PN NDP I . -10.23 -17.13 14.14
O1N NDP I . -10.19 -16.16 15.28
O2N NDP I . -11.48 -17.93 13.96
O5D NDP I . -9.88 -16.34 12.77
C5D NDP I . -10.16 -16.88 11.45
C4D NDP I . -9.14 -16.32 10.49
O4D NDP I . -9.18 -14.86 10.63
C3D NDP I . -7.67 -16.70 10.79
O3D NDP I . -6.95 -16.97 9.59
C2D NDP I . -7.14 -15.48 11.53
O2D NDP I . -5.75 -15.20 11.46
C1D NDP I . -7.90 -14.35 10.84
N1N NDP I . -8.03 -13.16 11.74
C2N NDP I . -8.84 -13.18 12.86
C3N NDP I . -8.89 -12.12 13.73
C7N NDP I . -9.85 -12.11 14.88
O7N NDP I . -9.96 -11.08 15.54
N7N NDP I . -10.53 -13.21 15.20
C4N NDP I . -7.94 -10.98 13.55
C5N NDP I . -7.33 -10.95 12.22
C6N NDP I . -7.32 -12.01 11.43
P2B NDP I . -8.48 -26.54 15.84
O1X NDP I . -9.29 -25.70 16.76
O2X NDP I . -9.28 -27.67 15.19
O3X NDP I . -7.14 -26.96 16.43
C ACT J . 10.33 -25.87 9.71
O ACT J . 9.61 -25.13 8.96
OXT ACT J . 11.06 -25.41 10.56
CH3 ACT J . 10.32 -27.37 9.50
PA NDP K . 4.87 24.11 8.69
O1A NDP K . 5.84 24.85 9.53
O2A NDP K . 3.53 23.80 9.23
O5B NDP K . 4.66 24.89 7.27
C5B NDP K . 5.80 25.23 6.42
C4B NDP K . 5.50 26.53 5.71
O4B NDP K . 4.38 26.41 4.82
C3B NDP K . 5.06 27.71 6.60
O3B NDP K . 6.19 28.26 7.23
C2B NDP K . 4.40 28.65 5.58
O2B NDP K . 5.14 29.80 5.13
C1B NDP K . 4.07 27.71 4.40
N9A NDP K . 2.66 27.90 4.04
C8A NDP K . 1.54 27.67 4.79
N7A NDP K . 0.43 28.08 4.20
C5A NDP K . 0.87 28.67 3.01
C6A NDP K . 0.22 29.33 1.95
N6A NDP K . -1.10 29.54 1.90
N1A NDP K . 0.97 29.79 0.92
C2A NDP K . 2.31 29.61 0.96
N3A NDP K . 3.04 28.99 1.90
C4A NDP K . 2.25 28.57 2.91
O3 NDP K . 5.59 22.76 8.21
PN NDP K . 6.74 21.88 8.85
O1N NDP K . 6.29 21.44 10.21
O2N NDP K . 8.05 22.58 8.69
O5D NDP K . 6.72 20.63 7.85
C5D NDP K . 7.32 20.73 6.53
C4D NDP K . 6.62 19.74 5.63
O4D NDP K . 6.63 18.43 6.26
C3D NDP K . 5.13 20.07 5.35
O3D NDP K . 4.80 19.79 4.01
C2D NDP K . 4.38 19.10 6.27
O2D NDP K . 3.07 18.74 5.84
C1D NDP K . 5.32 17.90 6.30
N1N NDP K . 5.16 17.15 7.57
C2N NDP K . 5.65 17.66 8.75
C3N NDP K . 5.38 17.04 9.95
C7N NDP K . 5.91 17.58 11.23
O7N NDP K . 5.79 16.90 12.26
N7N NDP K . 6.36 18.83 11.26
C4N NDP K . 4.49 15.85 9.93
C5N NDP K . 4.21 15.27 8.62
C6N NDP K . 4.50 15.94 7.54
P2B NDP K . 5.24 31.16 6.07
O1X NDP K . 6.26 31.92 5.30
O2X NDP K . 3.88 31.80 6.10
O3X NDP K . 5.75 30.78 7.45
CAC A1H0S L . 1.58 16.60 13.37
CAE A1H0S L . 1.59 16.89 10.60
CAG A1H0S L . 1.80 18.64 9.30
CAJ A1H0S L . 2.16 20.87 8.43
CAO A1H0S L . 1.59 16.50 14.78
CAP A1H0S L . 1.96 17.81 12.73
CAD A1H0S L . 1.93 17.96 11.37
NAF A1H0S L . 2.27 18.99 10.55
CAL A1H0S L . 2.55 20.41 10.91
CAM A1H0S L . 1.61 21.00 11.97
CAN A1H0S L . 3.89 20.54 11.59
NAQ A1H0S L . 2.54 21.28 9.72
NAK A1H0S L . 2.14 21.76 7.44
NAI A1H0S L . 1.84 19.53 8.22
NAH A1H0S L . 1.62 17.31 9.31
CAA A1H0S L . 1.21 15.70 11.14
CAB A1H0S L . 1.21 15.52 12.55
CAR A1H0S L . 0.83 14.27 13.09
C ACT M . 15.22 38.85 -3.23
O ACT M . 14.18 39.57 -2.87
OXT ACT M . 15.58 38.73 -4.35
CH3 ACT M . 16.06 38.13 -2.28
PA NDP N . 21.38 -13.45 -6.73
O1A NDP N . 22.61 -13.17 -7.51
O2A NDP N . 20.27 -14.18 -7.39
O5B NDP N . 21.71 -14.17 -5.33
C5B NDP N . 22.50 -13.65 -4.25
C4B NDP N . 23.13 -14.83 -3.55
O4B NDP N . 22.15 -15.54 -2.78
C3B NDP N . 23.68 -15.93 -4.47
O3B NDP N . 24.90 -15.57 -5.09
C2B NDP N . 23.76 -17.13 -3.51
O2B NDP N . 25.06 -17.36 -2.91
C1B NDP N . 22.77 -16.75 -2.40
N9A NDP N . 21.86 -17.84 -2.12
C8A NDP N . 21.01 -18.49 -3.00
N7A NDP N . 20.52 -19.60 -2.49
C5A NDP N . 21.10 -19.70 -1.23
C6A NDP N . 20.98 -20.65 -0.19
N6A NDP N . 20.18 -21.71 -0.24
N1A NDP N . 21.73 -20.44 0.92
C2A NDP N . 22.55 -19.38 0.97
N3A NDP N . 22.73 -18.41 0.07
C4A NDP N . 21.96 -18.65 -1.02
O3 NDP N . 20.84 -12.03 -6.23
PN NDP N . 21.09 -10.58 -6.80
O1N NDP N . 20.60 -10.56 -8.21
O2N NDP N . 22.52 -10.25 -6.51
O5D NDP N . 20.11 -9.68 -5.88
C5D NDP N . 20.44 -9.38 -4.49
C4D NDP N . 19.14 -9.20 -3.72
O4D NDP N . 18.29 -8.23 -4.43
C3D NDP N . 18.26 -10.45 -3.55
O3D NDP N . 17.71 -10.48 -2.23
C2D NDP N . 17.20 -10.27 -4.63
O2D NDP N . 15.96 -10.93 -4.43
C1D NDP N . 17.01 -8.76 -4.61
N1N NDP N . 16.50 -8.31 -5.94
C2N NDP N . 17.32 -8.33 -7.05
C3N NDP N . 16.87 -7.94 -8.27
C7N NDP N . 17.79 -7.90 -9.43
O7N NDP N . 17.37 -7.49 -10.52
N7N NDP N . 19.04 -8.35 -9.29
C4N NDP N . 15.41 -7.61 -8.42
C5N NDP N . 14.64 -7.64 -7.20
C6N NDP N . 15.19 -7.90 -6.04
P2B NDP N . 26.16 -18.31 -3.66
O1X NDP N . 26.48 -17.70 -5.01
O2X NDP N . 27.32 -18.23 -2.66
O3X NDP N . 25.61 -19.72 -3.80
CAC A1H0S O . 14.21 -10.02 -12.16
CAE A1H0S O . 14.11 -10.41 -9.45
CAG A1H0S O . 15.34 -11.54 -8.05
CAJ A1H0S O . 17.08 -12.80 -7.04
CAO A1H0S O . 14.36 -9.85 -13.55
CAP A1H0S O . 15.23 -10.68 -11.46
CAD A1H0S O . 15.17 -10.89 -10.12
NAF A1H0S O . 16.04 -11.45 -9.24
CAL A1H0S O . 17.26 -12.25 -9.56
CAM A1H0S O . 17.08 -13.37 -10.58
CAN A1H0S O . 18.34 -11.39 -10.22
NAQ A1H0S O . 17.77 -12.87 -8.29
NAK A1H0S O . 17.51 -13.46 -5.97
NAI A1H0S O . 15.88 -12.10 -6.91
NAH A1H0S O . 14.28 -10.77 -8.17
CAA A1H0S O . 13.08 -9.78 -10.05
CAB A1H0S O . 13.11 -9.55 -11.43
CAR A1H0S O . 12.02 -8.88 -12.01
#